data_4OQM
#
_entry.id   4OQM
#
_cell.length_a   113.440
_cell.length_b   115.310
_cell.length_c   107.900
_cell.angle_alpha   90.00
_cell.angle_beta   90.00
_cell.angle_gamma   90.00
#
_symmetry.space_group_name_H-M   'C 2 2 21'
#
loop_
_entity.id
_entity.type
_entity.pdbx_description
1 polymer 'Thymidine kinase'
2 non-polymer 1-(2-deoxy-2-fluoro-beta-D-arabinofuranosyl)-5-ethynylpyrimidine-2,4(1H,3H)-dione
3 non-polymer 'SULFATE ION'
4 water water
#
_entity_poly.entity_id   1
_entity_poly.type   'polypeptide(L)'
_entity_poly.pdbx_seq_one_letter_code
;KMPTLLRVYIDGPHGMGKTTTTQLLVALGSRDDIVYVPEPMTYWRVLGASETIANIYTTQHRLDQGEISAGDAAVVMTSA
QITMGMPYAVTDAVLAPHIGGEAGSSHAPPPALTLIFDRHPIAALLCYPAARYLMGSMTPQAVLAFVALIPPTLPGTNIV
LGALPEDRHIDRLAKRQRPGERLDLAMLAAIRRVYGLLANTVRYLQCGGSWREDWGQLSGTAVPPQGAEPQSNAGPRPHI
GDTLFTLFRAPELLAPNGDLYNVFAWALDVLAKRLRSMHVFILDYDQSPAGCRDALLQLTSGMVQTHVTTPGSIPTICDL
ARTFAREMGEAN
;
_entity_poly.pdbx_strand_id   A,B
#
loop_
_chem_comp.id
_chem_comp.type
_chem_comp.name
_chem_comp.formula
FDU non-polymer 1-(2-deoxy-2-fluoro-beta-D-arabinofuranosyl)-5-ethynylpyrimidine-2,4(1H,3H)-dione 'C11 H11 F N2 O5'
SO4 non-polymer 'SULFATE ION' 'O4 S -2'
#
# COMPACT_ATOMS: atom_id res chain seq x y z
N LYS A 1 12.95 1.38 -31.18
CA LYS A 1 11.96 1.97 -30.28
C LYS A 1 10.75 1.07 -30.13
N MET A 2 10.25 0.96 -28.90
CA MET A 2 9.09 0.13 -28.59
C MET A 2 7.80 0.86 -28.97
N PRO A 3 6.70 0.11 -29.16
CA PRO A 3 5.45 0.81 -29.47
C PRO A 3 5.03 1.73 -28.31
N THR A 4 4.12 2.67 -28.61
CA THR A 4 3.71 3.65 -27.62
C THR A 4 2.38 3.31 -26.98
N LEU A 5 2.23 3.76 -25.73
CA LEU A 5 0.99 3.55 -24.98
C LEU A 5 0.44 4.87 -24.45
N LEU A 6 -0.88 5.02 -24.50
CA LEU A 6 -1.55 6.13 -23.86
C LEU A 6 -2.46 5.61 -22.74
N ARG A 7 -2.14 5.96 -21.49
CA ARG A 7 -3.04 5.64 -20.38
C ARG A 7 -3.88 6.84 -19.99
N VAL A 8 -5.18 6.61 -19.91
CA VAL A 8 -6.13 7.66 -19.56
C VAL A 8 -6.97 7.22 -18.38
N TYR A 9 -6.86 7.94 -17.27
CA TYR A 9 -7.64 7.61 -16.08
C TYR A 9 -8.79 8.59 -15.89
N ILE A 10 -10.01 8.10 -16.05
CA ILE A 10 -11.19 8.93 -15.90
C ILE A 10 -11.61 8.89 -14.45
N ASP A 11 -11.47 10.03 -13.78
CA ASP A 11 -11.63 10.05 -12.34
C ASP A 11 -12.43 11.28 -11.91
N GLY A 12 -12.51 11.54 -10.62
CA GLY A 12 -13.31 12.63 -10.13
C GLY A 12 -14.44 12.11 -9.29
N PRO A 13 -15.28 13.02 -8.77
CA PRO A 13 -16.43 12.64 -7.97
C PRO A 13 -17.31 11.70 -8.77
N HIS A 14 -17.93 10.74 -8.09
CA HIS A 14 -18.86 9.84 -8.73
C HIS A 14 -20.17 10.57 -9.01
N GLY A 15 -20.94 10.06 -9.98
CA GLY A 15 -22.25 10.60 -10.25
C GLY A 15 -22.24 11.84 -11.13
N MET A 16 -21.13 12.06 -11.83
CA MET A 16 -21.07 13.15 -12.81
C MET A 16 -21.43 12.65 -14.20
N GLY A 17 -21.20 11.36 -14.44
CA GLY A 17 -21.35 10.76 -15.76
C GLY A 17 -20.16 9.96 -16.30
N LYS A 18 -19.17 9.65 -15.46
CA LYS A 18 -17.90 9.08 -15.92
C LYS A 18 -17.99 7.69 -16.59
N THR A 19 -19.00 6.91 -16.23
CA THR A 19 -19.09 5.52 -16.69
C THR A 19 -19.91 5.37 -17.98
N THR A 20 -20.80 6.32 -18.27
CA THR A 20 -21.49 6.31 -19.55
C THR A 20 -20.63 6.94 -20.65
N THR A 21 -20.08 8.12 -20.36
CA THR A 21 -19.25 8.86 -21.31
C THR A 21 -18.14 7.99 -21.95
N THR A 22 -17.47 7.19 -21.12
CA THR A 22 -16.37 6.34 -21.59
C THR A 22 -16.89 5.04 -22.20
N GLN A 23 -18.07 4.61 -21.75
CA GLN A 23 -18.76 3.48 -22.36
C GLN A 23 -18.97 3.79 -23.84
N LEU A 24 -19.34 5.03 -24.12
CA LEU A 24 -19.52 5.50 -25.48
C LEU A 24 -18.19 5.52 -26.23
N LEU A 25 -17.11 5.84 -25.52
CA LEU A 25 -15.80 6.07 -26.15
C LEU A 25 -15.18 4.82 -26.78
N VAL A 26 -15.91 3.71 -26.73
CA VAL A 26 -15.45 2.47 -27.34
C VAL A 26 -16.53 1.89 -28.23
N ARG A 31 -12.14 0.07 -31.58
CA ARG A 31 -12.27 -1.01 -30.61
C ARG A 31 -11.33 -2.16 -30.94
N ASP A 32 -10.03 -1.90 -30.85
CA ASP A 32 -8.99 -2.90 -31.03
C ASP A 32 -7.70 -2.34 -30.44
N ASP A 33 -7.43 -1.09 -30.76
CA ASP A 33 -6.29 -0.37 -30.22
C ASP A 33 -6.79 0.57 -29.12
N ILE A 34 -7.86 0.17 -28.46
CA ILE A 34 -8.36 0.92 -27.33
C ILE A 34 -9.20 0.01 -26.44
N VAL A 35 -8.81 -0.05 -25.17
CA VAL A 35 -9.50 -0.89 -24.20
C VAL A 35 -10.01 -0.07 -23.06
N TYR A 36 -11.25 -0.35 -22.66
CA TYR A 36 -11.92 0.31 -21.56
C TYR A 36 -11.86 -0.61 -20.35
N VAL A 37 -11.28 -0.10 -19.27
CA VAL A 37 -11.18 -0.83 -18.00
C VAL A 37 -12.22 -0.25 -17.06
N PRO A 38 -13.35 -0.94 -16.93
CA PRO A 38 -14.52 -0.41 -16.21
C PRO A 38 -14.33 -0.51 -14.71
N GLU A 39 -15.24 0.08 -13.95
CA GLU A 39 -15.14 0.03 -12.51
C GLU A 39 -15.40 -1.40 -12.05
N PRO A 40 -14.56 -1.87 -11.12
CA PRO A 40 -14.59 -3.27 -10.71
C PRO A 40 -15.76 -3.57 -9.78
N MET A 41 -16.99 -3.31 -10.24
CA MET A 41 -18.19 -3.48 -9.42
C MET A 41 -18.30 -4.88 -8.84
N THR A 42 -18.00 -5.89 -9.66
CA THR A 42 -18.14 -7.28 -9.22
C THR A 42 -17.20 -7.60 -8.08
N TYR A 43 -16.01 -7.00 -8.09
CA TYR A 43 -15.10 -7.19 -6.95
C TYR A 43 -15.71 -6.53 -5.70
N TRP A 44 -16.30 -5.35 -5.90
CA TRP A 44 -16.88 -4.60 -4.79
C TRP A 44 -18.09 -5.30 -4.17
N ARG A 45 -18.89 -5.96 -4.99
CA ARG A 45 -20.14 -6.57 -4.53
C ARG A 45 -20.04 -8.01 -4.09
N VAL A 46 -19.10 -8.74 -4.69
CA VAL A 46 -18.98 -10.21 -4.49
C VAL A 46 -17.56 -10.68 -4.14
N LEU A 47 -16.63 -10.50 -5.06
CA LEU A 47 -15.31 -11.17 -4.97
C LEU A 47 -14.49 -10.77 -3.75
N GLY A 48 -14.35 -9.46 -3.53
CA GLY A 48 -13.51 -8.96 -2.46
C GLY A 48 -14.20 -9.05 -1.14
N ALA A 49 -15.50 -8.78 -1.15
CA ALA A 49 -16.31 -8.77 0.05
C ALA A 49 -17.76 -8.64 -0.39
N SER A 50 -18.70 -8.74 0.54
CA SER A 50 -20.11 -8.68 0.16
C SER A 50 -20.68 -7.27 0.19
N GLU A 51 -21.02 -6.74 -0.99
CA GLU A 51 -21.69 -5.43 -1.10
C GLU A 51 -20.95 -4.33 -0.33
N THR A 52 -19.72 -4.05 -0.76
CA THR A 52 -18.88 -3.09 -0.07
C THR A 52 -19.50 -1.70 -0.13
N ILE A 53 -20.15 -1.38 -1.24
CA ILE A 53 -20.73 -0.07 -1.39
C ILE A 53 -21.87 0.16 -0.39
N ALA A 54 -22.77 -0.81 -0.26
CA ALA A 54 -23.82 -0.76 0.75
C ALA A 54 -23.23 -0.64 2.15
N ASN A 55 -22.17 -1.37 2.39
CA ASN A 55 -21.49 -1.38 3.68
C ASN A 55 -21.03 0.04 4.02
N ILE A 56 -20.42 0.70 3.04
CA ILE A 56 -19.89 2.04 3.23
C ILE A 56 -20.99 3.05 3.58
N TYR A 57 -22.00 3.14 2.72
CA TYR A 57 -23.07 4.13 2.92
C TYR A 57 -23.91 3.82 4.16
N THR A 58 -24.11 2.54 4.47
CA THR A 58 -24.87 2.20 5.66
C THR A 58 -24.13 2.64 6.92
N THR A 59 -22.82 2.39 6.95
CA THR A 59 -21.99 2.81 8.08
C THR A 59 -22.01 4.32 8.31
N GLN A 60 -21.84 5.09 7.24
CA GLN A 60 -21.92 6.54 7.38
C GLN A 60 -23.31 6.95 7.89
N HIS A 61 -24.35 6.31 7.36
CA HIS A 61 -25.71 6.64 7.77
C HIS A 61 -25.92 6.37 9.27
N ARG A 62 -25.48 5.20 9.72
CA ARG A 62 -25.52 4.86 11.13
C ARG A 62 -24.71 5.83 12.00
N LEU A 63 -23.58 6.32 11.51
CA LEU A 63 -22.80 7.29 12.28
C LEU A 63 -23.60 8.58 12.40
N ASP A 64 -24.16 9.02 11.28
CA ASP A 64 -24.94 10.24 11.23
C ASP A 64 -26.09 10.20 12.24
N GLN A 65 -26.79 9.07 12.31
CA GLN A 65 -27.92 8.91 13.21
C GLN A 65 -27.47 8.67 14.65
N GLY A 66 -26.16 8.58 14.86
CA GLY A 66 -25.61 8.35 16.17
C GLY A 66 -25.82 6.94 16.66
N GLU A 67 -26.01 6.01 15.74
CA GLU A 67 -26.21 4.61 16.11
C GLU A 67 -24.89 3.86 16.37
N ILE A 68 -23.79 4.41 15.88
CA ILE A 68 -22.44 3.89 16.19
C ILE A 68 -21.48 5.05 16.43
N SER A 69 -20.36 4.77 17.09
CA SER A 69 -19.35 5.78 17.36
C SER A 69 -18.50 6.15 16.15
N ALA A 70 -17.91 7.34 16.18
CA ALA A 70 -16.88 7.73 15.25
C ALA A 70 -15.82 6.62 15.10
N GLY A 71 -15.46 6.02 16.23
CA GLY A 71 -14.48 4.95 16.26
C GLY A 71 -14.87 3.69 15.51
N ASP A 72 -16.08 3.19 15.76
CA ASP A 72 -16.57 2.01 15.08
C ASP A 72 -16.66 2.27 13.59
N ALA A 73 -17.09 3.48 13.23
CA ALA A 73 -17.27 3.82 11.83
C ALA A 73 -15.95 3.84 11.09
N ALA A 74 -14.90 4.37 11.74
CA ALA A 74 -13.59 4.49 11.12
C ALA A 74 -12.93 3.15 10.77
N VAL A 75 -13.02 2.18 11.67
CA VAL A 75 -12.43 0.88 11.39
C VAL A 75 -13.16 0.21 10.24
N VAL A 76 -14.47 0.39 10.21
CA VAL A 76 -15.29 -0.14 9.14
C VAL A 76 -14.95 0.54 7.82
N MET A 77 -14.91 1.87 7.82
CA MET A 77 -14.59 2.61 6.60
C MET A 77 -13.19 2.28 6.10
N THR A 78 -12.26 2.12 7.02
CA THR A 78 -10.88 1.87 6.66
C THR A 78 -10.73 0.54 5.94
N SER A 79 -11.29 -0.53 6.50
CA SER A 79 -11.17 -1.82 5.85
C SER A 79 -11.98 -1.86 4.56
N ALA A 80 -13.11 -1.18 4.55
CA ALA A 80 -13.93 -1.17 3.32
C ALA A 80 -13.15 -0.48 2.19
N GLN A 81 -12.44 0.60 2.53
CA GLN A 81 -11.66 1.32 1.53
C GLN A 81 -10.53 0.45 0.99
N ILE A 82 -10.05 -0.48 1.81
CA ILE A 82 -9.00 -1.38 1.39
C ILE A 82 -9.54 -2.26 0.26
N THR A 83 -10.75 -2.76 0.45
CA THR A 83 -11.43 -3.60 -0.52
C THR A 83 -11.71 -2.85 -1.82
N MET A 84 -12.19 -1.62 -1.69
CA MET A 84 -12.49 -0.77 -2.84
C MET A 84 -11.26 -0.55 -3.73
N GLY A 85 -10.12 -0.32 -3.11
CA GLY A 85 -8.92 0.01 -3.87
C GLY A 85 -8.17 -1.15 -4.48
N MET A 86 -8.38 -2.35 -3.95
CA MET A 86 -7.58 -3.53 -4.32
C MET A 86 -7.40 -3.78 -5.84
N PRO A 87 -8.49 -3.80 -6.62
CA PRO A 87 -8.26 -4.06 -8.05
C PRO A 87 -7.45 -2.94 -8.71
N TYR A 88 -7.55 -1.73 -8.17
CA TYR A 88 -6.80 -0.60 -8.73
C TYR A 88 -5.33 -0.75 -8.40
N ALA A 89 -5.05 -1.25 -7.21
CA ALA A 89 -3.68 -1.45 -6.78
C ALA A 89 -2.98 -2.61 -7.51
N VAL A 90 -3.65 -3.77 -7.67
CA VAL A 90 -3.02 -4.87 -8.38
C VAL A 90 -2.75 -4.51 -9.82
N THR A 91 -3.70 -3.80 -10.42
CA THR A 91 -3.60 -3.47 -11.82
C THR A 91 -2.39 -2.59 -12.06
N ASP A 92 -2.24 -1.58 -11.20
CA ASP A 92 -1.10 -0.69 -11.31
C ASP A 92 0.22 -1.45 -11.13
N ALA A 93 0.25 -2.36 -10.16
CA ALA A 93 1.48 -3.10 -9.87
C ALA A 93 1.87 -4.02 -11.03
N VAL A 94 0.90 -4.66 -11.67
CA VAL A 94 1.22 -5.57 -12.77
C VAL A 94 1.51 -4.80 -14.05
N LEU A 95 0.94 -3.61 -14.18
CA LEU A 95 1.20 -2.79 -15.35
C LEU A 95 2.55 -2.10 -15.27
N ALA A 96 2.94 -1.70 -14.06
CA ALA A 96 4.13 -0.88 -13.86
C ALA A 96 5.41 -1.26 -14.64
N PRO A 97 5.87 -2.53 -14.55
CA PRO A 97 7.08 -2.90 -15.29
C PRO A 97 6.97 -2.76 -16.81
N HIS A 98 5.75 -2.76 -17.33
CA HIS A 98 5.54 -2.62 -18.77
C HIS A 98 5.66 -1.17 -19.25
N ILE A 99 5.74 -0.22 -18.32
CA ILE A 99 5.70 1.19 -18.69
C ILE A 99 7.09 1.74 -18.91
N GLY A 100 7.34 2.30 -20.08
CA GLY A 100 8.64 2.86 -20.40
C GLY A 100 8.67 4.35 -20.15
N GLY A 101 9.64 5.03 -20.76
CA GLY A 101 9.74 6.47 -20.60
C GLY A 101 8.78 7.19 -21.54
N GLU A 102 8.64 8.49 -21.34
CA GLU A 102 7.82 9.32 -22.20
C GLU A 102 8.26 9.22 -23.64
N ALA A 103 7.31 9.43 -24.55
CA ALA A 103 7.58 9.34 -25.98
C ALA A 103 7.40 10.69 -26.64
N PRO A 109 1.61 12.04 -32.94
CA PRO A 109 2.12 10.67 -33.13
C PRO A 109 1.06 9.63 -32.83
N PRO A 110 1.22 8.40 -33.38
CA PRO A 110 0.21 7.34 -33.30
C PRO A 110 0.43 6.38 -32.13
N PRO A 111 -0.53 6.33 -31.19
CA PRO A 111 -0.44 5.37 -30.07
C PRO A 111 -0.83 3.97 -30.49
N ALA A 112 0.04 3.00 -30.23
CA ALA A 112 -0.26 1.61 -30.55
C ALA A 112 -1.46 1.09 -29.76
N LEU A 113 -1.67 1.66 -28.57
CA LEU A 113 -2.72 1.21 -27.67
C LEU A 113 -3.14 2.30 -26.70
N THR A 114 -4.45 2.44 -26.49
CA THR A 114 -4.98 3.41 -25.56
C THR A 114 -5.74 2.66 -24.48
N LEU A 115 -5.34 2.88 -23.23
CA LEU A 115 -6.05 2.31 -22.10
C LEU A 115 -6.88 3.37 -21.39
N ILE A 116 -8.19 3.18 -21.35
CA ILE A 116 -9.05 4.09 -20.62
C ILE A 116 -9.53 3.43 -19.35
N PHE A 117 -9.02 3.89 -18.22
CA PHE A 117 -9.42 3.36 -16.92
C PHE A 117 -10.56 4.16 -16.34
N ASP A 118 -11.49 3.46 -15.71
CA ASP A 118 -12.48 4.09 -14.86
C ASP A 118 -11.81 4.24 -13.50
N ARG A 119 -11.25 5.42 -13.26
CA ARG A 119 -10.56 5.80 -12.03
C ARG A 119 -9.11 5.35 -11.90
N HIS A 120 -8.35 6.16 -11.18
CA HIS A 120 -6.97 5.91 -10.86
C HIS A 120 -6.90 5.44 -9.40
N PRO A 121 -5.83 4.72 -9.04
CA PRO A 121 -5.59 4.32 -7.65
C PRO A 121 -5.74 5.43 -6.61
N ILE A 122 -5.47 6.70 -6.93
CA ILE A 122 -5.63 7.74 -5.92
C ILE A 122 -7.07 7.99 -5.51
N ALA A 123 -8.06 7.52 -6.28
CA ALA A 123 -9.44 7.67 -5.85
C ALA A 123 -9.63 6.95 -4.52
N ALA A 124 -9.27 5.67 -4.51
CA ALA A 124 -9.42 4.82 -3.33
C ALA A 124 -8.31 4.96 -2.30
N LEU A 125 -7.16 5.47 -2.71
CA LEU A 125 -6.04 5.60 -1.79
C LEU A 125 -5.83 7.01 -1.23
N LEU A 126 -6.61 7.96 -1.71
CA LEU A 126 -6.44 9.34 -1.27
C LEU A 126 -7.76 10.10 -1.18
N CYS A 127 -8.49 10.18 -2.28
CA CYS A 127 -9.65 11.07 -2.37
C CYS A 127 -10.84 10.62 -1.54
N TYR A 128 -11.27 9.38 -1.73
CA TYR A 128 -12.36 8.84 -0.93
C TYR A 128 -12.06 8.75 0.56
N PRO A 129 -10.87 8.24 0.94
CA PRO A 129 -10.47 8.35 2.35
C PRO A 129 -10.47 9.78 2.89
N ALA A 130 -9.92 10.74 2.14
CA ALA A 130 -9.95 12.13 2.58
C ALA A 130 -11.39 12.67 2.77
N ALA A 131 -12.28 12.30 1.87
CA ALA A 131 -13.65 12.78 1.97
C ALA A 131 -14.30 12.18 3.22
N ARG A 132 -14.05 10.91 3.48
CA ARG A 132 -14.63 10.26 4.65
C ARG A 132 -14.06 10.87 5.92
N TYR A 133 -12.80 11.29 5.86
CA TYR A 133 -12.21 12.02 6.97
C TYR A 133 -13.05 13.28 7.22
N LEU A 134 -13.36 14.01 6.15
CA LEU A 134 -14.23 15.17 6.24
C LEU A 134 -15.65 14.81 6.75
N MET A 135 -16.08 13.58 6.52
CA MET A 135 -17.38 13.10 6.97
C MET A 135 -17.34 12.57 8.39
N GLY A 136 -16.18 12.67 9.04
CA GLY A 136 -16.03 12.17 10.40
C GLY A 136 -15.95 10.65 10.53
N SER A 137 -15.84 9.94 9.41
CA SER A 137 -15.82 8.48 9.46
C SER A 137 -14.48 7.80 9.12
N MET A 138 -13.40 8.57 9.11
CA MET A 138 -12.05 8.03 9.00
C MET A 138 -11.06 8.95 9.71
N THR A 139 -10.09 8.36 10.42
CA THR A 139 -9.08 9.15 11.10
C THR A 139 -8.12 9.70 10.07
N PRO A 140 -7.50 10.85 10.35
CA PRO A 140 -6.54 11.36 9.38
C PRO A 140 -5.25 10.51 9.32
N GLN A 141 -4.93 9.79 10.39
CA GLN A 141 -3.77 8.89 10.35
C GLN A 141 -3.98 7.74 9.34
N ALA A 142 -5.20 7.25 9.23
CA ALA A 142 -5.50 6.19 8.26
C ALA A 142 -5.41 6.74 6.84
N VAL A 143 -5.87 7.97 6.66
CA VAL A 143 -5.73 8.62 5.36
C VAL A 143 -4.26 8.67 4.93
N LEU A 144 -3.38 9.02 5.87
CA LEU A 144 -1.97 9.15 5.54
C LEU A 144 -1.30 7.79 5.37
N ALA A 145 -1.85 6.77 6.01
CA ALA A 145 -1.42 5.39 5.73
C ALA A 145 -1.70 5.02 4.27
N PHE A 146 -2.90 5.33 3.79
CA PHE A 146 -3.24 5.06 2.39
C PHE A 146 -2.34 5.86 1.45
N VAL A 147 -2.10 7.12 1.81
CA VAL A 147 -1.23 7.99 1.02
C VAL A 147 0.17 7.40 0.91
N ALA A 148 0.69 6.88 2.02
CA ALA A 148 2.04 6.32 2.07
C ALA A 148 2.19 5.14 1.13
N LEU A 149 1.07 4.49 0.80
CA LEU A 149 1.08 3.32 -0.07
C LEU A 149 0.68 3.60 -1.52
N ILE A 150 0.52 4.88 -1.87
CA ILE A 150 0.20 5.23 -3.26
C ILE A 150 1.41 4.83 -4.09
N PRO A 151 1.17 4.05 -5.16
CA PRO A 151 2.29 3.56 -5.95
C PRO A 151 3.03 4.73 -6.62
N PRO A 152 4.33 4.55 -6.92
CA PRO A 152 5.07 5.66 -7.52
C PRO A 152 4.42 6.05 -8.84
N THR A 153 4.45 7.35 -9.15
CA THR A 153 3.79 7.86 -10.34
C THR A 153 4.64 7.57 -11.56
N LEU A 154 4.11 6.72 -12.44
CA LEU A 154 4.84 6.32 -13.63
C LEU A 154 4.71 7.42 -14.67
N PRO A 155 5.54 7.36 -15.72
CA PRO A 155 5.42 8.36 -16.79
C PRO A 155 4.07 8.22 -17.48
N GLY A 156 3.55 9.33 -18.03
CA GLY A 156 2.33 9.25 -18.82
C GLY A 156 1.08 8.97 -18.00
N THR A 157 1.07 9.45 -16.76
CA THR A 157 -0.11 9.31 -15.91
C THR A 157 -1.07 10.50 -16.13
N ASN A 158 -2.00 10.32 -17.07
CA ASN A 158 -2.99 11.33 -17.40
C ASN A 158 -4.29 11.04 -16.68
N ILE A 159 -4.70 11.98 -15.83
CA ILE A 159 -5.89 11.82 -15.01
C ILE A 159 -6.92 12.86 -15.45
N VAL A 160 -8.12 12.41 -15.81
CA VAL A 160 -9.18 13.31 -16.21
C VAL A 160 -10.09 13.51 -15.02
N LEU A 161 -10.27 14.76 -14.63
CA LEU A 161 -11.18 15.09 -13.54
C LEU A 161 -12.36 15.86 -14.14
N GLY A 162 -13.50 15.83 -13.46
CA GLY A 162 -14.69 16.46 -14.00
C GLY A 162 -15.00 17.84 -13.47
N ALA A 163 -15.69 18.63 -14.27
CA ALA A 163 -16.26 19.89 -13.82
C ALA A 163 -17.76 19.81 -14.06
N LEU A 164 -18.55 20.15 -13.04
CA LEU A 164 -20.00 20.14 -13.12
C LEU A 164 -20.52 20.98 -11.96
N PRO A 165 -21.44 21.93 -12.23
CA PRO A 165 -21.99 22.74 -11.14
C PRO A 165 -22.73 21.83 -10.19
N GLU A 166 -22.80 22.19 -8.92
CA GLU A 166 -23.28 21.27 -7.90
C GLU A 166 -24.71 20.78 -8.11
N ASP A 167 -25.62 21.68 -8.51
CA ASP A 167 -27.02 21.30 -8.64
C ASP A 167 -27.21 20.30 -9.76
N ARG A 168 -26.52 20.54 -10.89
CA ARG A 168 -26.53 19.61 -12.00
C ARG A 168 -25.94 18.26 -11.58
N HIS A 169 -24.94 18.30 -10.72
CA HIS A 169 -24.30 17.08 -10.23
C HIS A 169 -25.28 16.32 -9.35
N ILE A 170 -26.02 17.03 -8.52
CA ILE A 170 -27.06 16.43 -7.70
C ILE A 170 -28.07 15.68 -8.60
N ASP A 171 -28.50 16.33 -9.69
CA ASP A 171 -29.43 15.73 -10.63
C ASP A 171 -28.85 14.44 -11.23
N ARG A 172 -27.63 14.54 -11.74
CA ARG A 172 -26.94 13.37 -12.31
C ARG A 172 -26.83 12.25 -11.29
N LEU A 173 -26.33 12.59 -10.11
CA LEU A 173 -26.11 11.61 -9.06
C LEU A 173 -27.38 10.86 -8.71
N ALA A 174 -28.50 11.59 -8.66
CA ALA A 174 -29.80 11.02 -8.33
C ALA A 174 -30.17 9.87 -9.28
N LYS A 175 -29.68 9.93 -10.51
CA LYS A 175 -30.00 8.92 -11.51
C LYS A 175 -28.91 7.85 -11.61
N ARG A 176 -27.77 8.09 -10.95
CA ARG A 176 -26.60 7.24 -11.07
C ARG A 176 -26.18 6.58 -9.74
N GLN A 177 -27.17 6.28 -8.90
CA GLN A 177 -26.93 5.61 -7.63
C GLN A 177 -26.51 4.16 -7.86
N ARG A 178 -25.41 3.75 -7.27
CA ARG A 178 -24.96 2.37 -7.45
C ARG A 178 -25.57 1.46 -6.40
N PRO A 179 -25.51 0.14 -6.61
CA PRO A 179 -26.17 -0.74 -5.65
C PRO A 179 -25.68 -0.53 -4.23
N GLY A 180 -26.59 -0.23 -3.32
CA GLY A 180 -26.23 0.00 -1.94
C GLY A 180 -25.94 1.44 -1.63
N GLU A 181 -25.81 2.26 -2.67
CA GLU A 181 -25.49 3.67 -2.44
C GLU A 181 -26.68 4.41 -1.82
N ARG A 182 -26.43 5.35 -0.91
CA ARG A 182 -27.48 6.25 -0.44
C ARG A 182 -27.13 7.67 -0.88
N LEU A 183 -28.15 8.43 -1.26
CA LEU A 183 -27.96 9.78 -1.74
C LEU A 183 -27.57 10.66 -0.56
N ASP A 184 -26.36 11.20 -0.61
CA ASP A 184 -25.82 11.91 0.54
C ASP A 184 -25.18 13.19 0.04
N LEU A 185 -25.84 14.32 0.28
CA LEU A 185 -25.37 15.61 -0.23
C LEU A 185 -24.13 16.09 0.49
N ALA A 186 -23.97 15.66 1.74
CA ALA A 186 -22.79 15.99 2.52
C ALA A 186 -21.56 15.24 1.96
N MET A 187 -21.72 13.95 1.68
CA MET A 187 -20.65 13.21 1.02
C MET A 187 -20.37 13.80 -0.36
N LEU A 188 -21.43 14.16 -1.09
CA LEU A 188 -21.26 14.81 -2.38
C LEU A 188 -20.41 16.05 -2.26
N ALA A 189 -20.69 16.86 -1.22
CA ALA A 189 -19.96 18.09 -0.99
C ALA A 189 -18.53 17.79 -0.59
N ALA A 190 -18.35 16.86 0.34
CA ALA A 190 -17.01 16.43 0.75
C ALA A 190 -16.14 15.93 -0.42
N ILE A 191 -16.71 15.06 -1.27
CA ILE A 191 -15.93 14.48 -2.35
C ILE A 191 -15.63 15.51 -3.45
N ARG A 192 -16.59 16.40 -3.72
CA ARG A 192 -16.37 17.50 -4.66
C ARG A 192 -15.25 18.41 -4.16
N ARG A 193 -15.27 18.70 -2.85
CA ARG A 193 -14.23 19.53 -2.26
C ARG A 193 -12.85 18.88 -2.39
N VAL A 194 -12.78 17.60 -2.04
CA VAL A 194 -11.52 16.88 -2.16
C VAL A 194 -10.94 16.90 -3.58
N TYR A 195 -11.76 16.60 -4.59
CA TYR A 195 -11.26 16.62 -5.96
C TYR A 195 -10.89 18.03 -6.44
N GLY A 196 -11.63 19.03 -5.97
CA GLY A 196 -11.27 20.43 -6.20
C GLY A 196 -9.92 20.74 -5.56
N LEU A 197 -9.72 20.32 -4.33
CA LEU A 197 -8.41 20.47 -3.69
C LEU A 197 -7.31 19.71 -4.46
N LEU A 198 -7.65 18.53 -4.97
CA LEU A 198 -6.68 17.72 -5.72
C LEU A 198 -6.14 18.49 -6.92
N ALA A 199 -7.05 19.01 -7.74
CA ALA A 199 -6.67 19.79 -8.90
C ALA A 199 -5.75 20.94 -8.47
N ASN A 200 -6.13 21.65 -7.40
CA ASN A 200 -5.33 22.77 -6.91
C ASN A 200 -3.94 22.31 -6.47
N THR A 201 -3.89 21.19 -5.78
CA THR A 201 -2.64 20.65 -5.26
C THR A 201 -1.65 20.32 -6.36
N VAL A 202 -2.11 19.67 -7.42
CA VAL A 202 -1.26 19.37 -8.57
C VAL A 202 -0.67 20.65 -9.15
N ARG A 203 -1.52 21.65 -9.35
CA ARG A 203 -1.08 22.94 -9.88
C ARG A 203 -0.12 23.68 -8.93
N TYR A 204 -0.44 23.70 -7.65
CA TYR A 204 0.45 24.22 -6.61
C TYR A 204 1.84 23.58 -6.70
N LEU A 205 1.88 22.25 -6.74
CA LEU A 205 3.15 21.52 -6.80
C LEU A 205 3.91 21.77 -8.10
N GLN A 206 3.20 21.76 -9.22
CA GLN A 206 3.84 21.93 -10.52
C GLN A 206 4.45 23.32 -10.70
N CYS A 207 3.80 24.32 -10.09
CA CYS A 207 4.29 25.69 -10.14
C CYS A 207 5.35 25.97 -9.07
N GLY A 208 5.87 24.91 -8.46
CA GLY A 208 6.97 25.03 -7.52
C GLY A 208 6.61 25.22 -6.06
N GLY A 209 5.34 25.01 -5.71
CA GLY A 209 4.94 25.16 -4.32
C GLY A 209 5.64 24.17 -3.40
N SER A 210 6.12 24.65 -2.26
CA SER A 210 6.70 23.77 -1.26
C SER A 210 5.90 23.81 0.04
N TRP A 211 5.28 22.68 0.37
CA TRP A 211 4.37 22.63 1.50
C TRP A 211 5.04 22.99 2.82
N ARG A 212 6.28 22.55 3.00
CA ARG A 212 7.03 22.81 4.24
C ARG A 212 7.35 24.29 4.39
N GLU A 213 7.65 24.95 3.27
CA GLU A 213 7.86 26.40 3.24
C GLU A 213 6.59 27.18 3.55
N ASP A 214 5.45 26.69 3.05
CA ASP A 214 4.18 27.41 3.16
C ASP A 214 3.33 26.98 4.34
N TRP A 215 3.78 25.96 5.07
CA TRP A 215 2.98 25.37 6.14
C TRP A 215 2.56 26.41 7.18
N GLY A 216 3.45 27.37 7.45
CA GLY A 216 3.15 28.42 8.40
C GLY A 216 1.94 29.25 8.00
N GLN A 217 1.64 29.30 6.71
CA GLN A 217 0.54 30.13 6.22
C GLN A 217 -0.85 29.58 6.60
N LEU A 218 -0.92 28.30 6.94
CA LEU A 218 -2.21 27.71 7.31
C LEU A 218 -2.72 28.19 8.67
N SER A 219 -1.81 28.60 9.55
CA SER A 219 -2.22 29.03 10.88
C SER A 219 -2.24 30.56 11.06
N GLY A 220 -3.39 31.15 10.73
CA GLY A 220 -3.60 32.59 10.92
C GLY A 220 -4.65 32.90 11.97
N PRO A 236 3.29 32.14 -9.12
CA PRO A 236 1.86 32.30 -8.90
C PRO A 236 1.15 30.95 -8.96
N ARG A 237 0.49 30.61 -7.86
CA ARG A 237 -0.01 29.28 -7.65
C ARG A 237 -1.11 29.42 -6.63
N PRO A 238 -1.90 28.35 -6.42
CA PRO A 238 -2.90 28.44 -5.35
C PRO A 238 -2.26 28.69 -3.98
N HIS A 239 -3.03 29.24 -3.05
CA HIS A 239 -2.61 29.32 -1.66
C HIS A 239 -2.67 27.90 -1.11
N ILE A 240 -1.76 27.57 -0.20
CA ILE A 240 -1.72 26.24 0.40
C ILE A 240 -3.04 25.90 1.10
N GLY A 241 -3.76 26.93 1.54
CA GLY A 241 -5.05 26.71 2.20
C GLY A 241 -6.12 26.20 1.24
N ASP A 242 -5.85 26.30 -0.05
CA ASP A 242 -6.74 25.73 -1.04
C ASP A 242 -6.13 24.49 -1.67
N THR A 243 -5.29 23.77 -0.94
CA THR A 243 -4.76 22.50 -1.44
C THR A 243 -5.10 21.40 -0.46
N LEU A 244 -4.77 20.17 -0.85
CA LEU A 244 -5.02 19.02 0.01
C LEU A 244 -4.25 19.08 1.31
N PHE A 245 -3.18 19.88 1.34
CA PHE A 245 -2.35 19.99 2.54
C PHE A 245 -3.11 20.58 3.71
N THR A 246 -4.10 21.44 3.43
CA THR A 246 -4.86 22.06 4.49
C THR A 246 -5.61 21.03 5.34
N LEU A 247 -5.96 19.90 4.73
CA LEU A 247 -6.71 18.87 5.44
C LEU A 247 -5.86 18.25 6.53
N PHE A 248 -4.54 18.32 6.39
CA PHE A 248 -3.66 17.59 7.30
C PHE A 248 -3.10 18.48 8.39
N ARG A 249 -3.65 19.69 8.49
CA ARG A 249 -3.51 20.48 9.71
C ARG A 249 -4.58 19.98 10.69
N ALA A 250 -4.61 18.67 10.89
CA ALA A 250 -5.53 18.02 11.81
C ALA A 250 -4.80 17.79 13.14
N PRO A 251 -5.49 18.04 14.26
CA PRO A 251 -4.83 18.01 15.57
C PRO A 251 -4.30 16.63 15.96
N GLU A 252 -4.89 15.57 15.43
CA GLU A 252 -4.37 14.23 15.67
C GLU A 252 -2.93 14.11 15.19
N LEU A 253 -2.57 14.92 14.18
CA LEU A 253 -1.28 14.80 13.52
C LEU A 253 -0.20 15.68 14.15
N LEU A 254 -0.55 16.41 15.19
CA LEU A 254 0.30 17.50 15.67
C LEU A 254 0.85 17.25 17.07
N ALA A 255 2.12 17.58 17.29
CA ALA A 255 2.71 17.50 18.62
C ALA A 255 2.15 18.64 19.49
N PRO A 256 2.31 18.54 20.83
CA PRO A 256 1.85 19.60 21.75
C PRO A 256 2.28 21.02 21.37
N ASN A 257 3.38 21.18 20.66
CA ASN A 257 3.84 22.50 20.29
C ASN A 257 3.34 22.94 18.94
N GLY A 258 2.46 22.13 18.35
CA GLY A 258 1.84 22.48 17.08
C GLY A 258 2.51 21.96 15.81
N ASP A 259 3.73 21.43 15.92
CA ASP A 259 4.42 20.87 14.75
C ASP A 259 3.82 19.53 14.34
N LEU A 260 3.81 19.29 13.03
CA LEU A 260 3.53 17.96 12.48
C LEU A 260 4.55 16.98 13.01
N TYR A 261 4.09 15.83 13.48
CA TYR A 261 5.02 14.72 13.67
C TYR A 261 5.69 14.41 12.35
N ASN A 262 6.99 14.08 12.42
CA ASN A 262 7.78 13.81 11.23
C ASN A 262 7.20 12.71 10.37
N VAL A 263 6.69 11.67 11.02
CA VAL A 263 6.15 10.54 10.28
C VAL A 263 5.00 11.01 9.39
N PHE A 264 4.23 11.99 9.86
CA PHE A 264 3.11 12.52 9.06
C PHE A 264 3.63 13.48 8.00
N ALA A 265 4.64 14.27 8.35
CA ALA A 265 5.31 15.18 7.42
C ALA A 265 5.90 14.41 6.24
N TRP A 266 6.46 13.24 6.54
CA TRP A 266 6.99 12.37 5.49
C TRP A 266 5.90 11.89 4.53
N ALA A 267 4.73 11.54 5.07
CA ALA A 267 3.62 11.16 4.21
C ALA A 267 3.21 12.32 3.29
N LEU A 268 3.27 13.54 3.82
CA LEU A 268 3.02 14.70 2.98
C LEU A 268 4.09 14.85 1.90
N ASP A 269 5.36 14.65 2.25
CA ASP A 269 6.43 14.62 1.23
C ASP A 269 6.11 13.61 0.13
N VAL A 270 5.63 12.44 0.53
CA VAL A 270 5.25 11.41 -0.43
C VAL A 270 4.05 11.87 -1.27
N LEU A 271 3.04 12.43 -0.61
CA LEU A 271 1.89 12.97 -1.32
C LEU A 271 2.35 13.96 -2.39
N ALA A 272 3.26 14.85 -2.02
CA ALA A 272 3.80 15.84 -2.95
C ALA A 272 4.52 15.21 -4.13
N LYS A 273 5.36 14.20 -3.86
CA LYS A 273 6.09 13.49 -4.90
C LYS A 273 5.12 12.87 -5.90
N ARG A 274 4.10 12.18 -5.39
CA ARG A 274 3.16 11.45 -6.25
C ARG A 274 2.35 12.37 -7.17
N LEU A 275 1.82 13.46 -6.62
CA LEU A 275 0.90 14.32 -7.37
C LEU A 275 1.56 15.25 -8.38
N ARG A 276 2.77 15.70 -8.08
CA ARG A 276 3.37 16.72 -8.94
CA ARG A 276 3.45 16.69 -8.91
C ARG A 276 3.68 16.21 -10.34
N SER A 277 3.91 14.91 -10.50
CA SER A 277 4.20 14.40 -11.84
C SER A 277 2.96 13.80 -12.52
N MET A 278 1.78 14.02 -11.96
CA MET A 278 0.57 13.61 -12.62
C MET A 278 0.16 14.66 -13.65
N HIS A 279 -0.48 14.23 -14.71
CA HIS A 279 -0.98 15.18 -15.70
C HIS A 279 -2.50 15.23 -15.62
N VAL A 280 -3.02 16.38 -15.22
CA VAL A 280 -4.44 16.56 -14.95
C VAL A 280 -5.14 17.25 -16.12
N PHE A 281 -6.30 16.73 -16.50
CA PHE A 281 -7.11 17.30 -17.56
C PHE A 281 -8.54 17.42 -17.09
N ILE A 282 -9.18 18.55 -17.40
CA ILE A 282 -10.53 18.79 -16.90
C ILE A 282 -11.57 18.56 -17.99
N LEU A 283 -12.54 17.71 -17.67
CA LEU A 283 -13.63 17.39 -18.59
C LEU A 283 -14.92 18.00 -18.05
N ASP A 284 -15.48 18.92 -18.82
CA ASP A 284 -16.76 19.54 -18.49
C ASP A 284 -17.87 18.51 -18.71
N TYR A 285 -18.53 18.09 -17.64
CA TYR A 285 -19.61 17.13 -17.77
C TYR A 285 -20.98 17.76 -18.04
N ASP A 286 -21.07 19.08 -17.98
CA ASP A 286 -22.34 19.79 -18.10
C ASP A 286 -22.77 19.90 -19.56
N GLN A 287 -22.95 18.74 -20.19
CA GLN A 287 -23.28 18.65 -21.59
C GLN A 287 -23.76 17.22 -21.88
N SER A 288 -24.18 16.96 -23.11
CA SER A 288 -24.73 15.66 -23.48
C SER A 288 -23.66 14.57 -23.42
N PRO A 289 -24.09 13.30 -23.24
CA PRO A 289 -23.19 12.16 -23.19
C PRO A 289 -22.22 12.07 -24.38
N ALA A 290 -22.71 12.37 -25.57
CA ALA A 290 -21.85 12.30 -26.75
C ALA A 290 -20.95 13.52 -26.81
N GLY A 291 -21.41 14.63 -26.23
CA GLY A 291 -20.58 15.80 -26.08
C GLY A 291 -19.42 15.52 -25.13
N CYS A 292 -19.72 14.82 -24.03
CA CYS A 292 -18.70 14.43 -23.06
C CYS A 292 -17.66 13.53 -23.72
N ARG A 293 -18.14 12.59 -24.53
CA ARG A 293 -17.27 11.69 -25.28
C ARG A 293 -16.36 12.48 -26.20
N ASP A 294 -16.93 13.42 -26.93
CA ASP A 294 -16.14 14.20 -27.88
C ASP A 294 -15.10 15.02 -27.13
N ALA A 295 -15.52 15.59 -26.00
CA ALA A 295 -14.64 16.40 -25.18
C ALA A 295 -13.46 15.58 -24.67
N LEU A 296 -13.73 14.33 -24.30
CA LEU A 296 -12.67 13.44 -23.85
C LEU A 296 -11.66 13.18 -24.97
N LEU A 297 -12.16 12.91 -26.17
CA LEU A 297 -11.32 12.72 -27.35
C LEU A 297 -10.46 13.95 -27.65
N GLN A 298 -11.06 15.12 -27.50
CA GLN A 298 -10.36 16.38 -27.69
C GLN A 298 -9.21 16.55 -26.70
N LEU A 299 -9.41 16.05 -25.49
CA LEU A 299 -8.44 16.19 -24.41
C LEU A 299 -7.20 15.32 -24.66
N THR A 300 -7.35 14.27 -25.45
CA THR A 300 -6.28 13.29 -25.63
C THR A 300 -5.04 13.83 -26.31
N SER A 301 -5.20 14.91 -27.08
CA SER A 301 -4.10 15.45 -27.86
C SER A 301 -3.03 16.05 -26.96
N GLY A 302 -3.41 16.46 -25.75
CA GLY A 302 -2.45 16.96 -24.78
C GLY A 302 -1.88 15.91 -23.84
N MET A 303 -2.36 14.69 -23.93
CA MET A 303 -1.99 13.68 -22.97
C MET A 303 -0.62 13.13 -23.31
N VAL A 304 0.11 12.64 -22.33
CA VAL A 304 1.45 12.19 -22.64
C VAL A 304 1.50 10.67 -22.77
N GLN A 305 2.17 10.22 -23.82
CA GLN A 305 2.30 8.81 -24.12
C GLN A 305 3.63 8.31 -23.63
N THR A 306 3.71 7.01 -23.44
CA THR A 306 4.96 6.37 -23.08
C THR A 306 5.26 5.23 -24.04
N HIS A 307 6.52 4.82 -24.09
CA HIS A 307 6.87 3.57 -24.74
C HIS A 307 6.53 2.47 -23.77
N VAL A 308 6.39 1.25 -24.26
CA VAL A 308 6.37 0.08 -23.40
C VAL A 308 7.79 -0.44 -23.27
N THR A 309 8.01 -1.44 -22.40
CA THR A 309 9.35 -1.93 -22.13
C THR A 309 9.78 -3.16 -22.95
N THR A 310 8.81 -3.91 -23.47
CA THR A 310 9.10 -5.12 -24.25
C THR A 310 8.19 -5.15 -25.48
N PRO A 311 8.58 -5.92 -26.51
CA PRO A 311 7.72 -6.02 -27.68
C PRO A 311 6.36 -6.61 -27.34
N GLY A 312 6.35 -7.62 -26.47
CA GLY A 312 5.11 -8.27 -26.08
C GLY A 312 4.28 -7.52 -25.03
N SER A 313 4.75 -6.35 -24.60
CA SER A 313 4.02 -5.59 -23.58
C SER A 313 2.60 -5.22 -24.04
N ILE A 314 2.47 -4.74 -25.26
CA ILE A 314 1.16 -4.35 -25.78
C ILE A 314 0.11 -5.47 -25.73
N PRO A 315 0.40 -6.66 -26.32
CA PRO A 315 -0.59 -7.73 -26.22
C PRO A 315 -0.91 -8.12 -24.78
N THR A 316 0.11 -8.11 -23.92
CA THR A 316 -0.05 -8.45 -22.50
C THR A 316 -0.94 -7.44 -21.78
N ILE A 317 -0.70 -6.17 -22.04
CA ILE A 317 -1.51 -5.09 -21.47
C ILE A 317 -2.96 -5.24 -21.89
N CYS A 318 -3.14 -5.46 -23.18
CA CYS A 318 -4.45 -5.71 -23.78
C CYS A 318 -5.17 -6.85 -23.09
N ASP A 319 -4.45 -7.93 -22.81
CA ASP A 319 -5.07 -9.08 -22.16
C ASP A 319 -5.52 -8.77 -20.74
N LEU A 320 -4.62 -8.16 -19.98
CA LEU A 320 -4.89 -7.70 -18.62
C LEU A 320 -6.18 -6.86 -18.61
N ALA A 321 -6.18 -5.83 -19.46
CA ALA A 321 -7.30 -4.92 -19.54
C ALA A 321 -8.62 -5.64 -19.83
N ARG A 322 -8.64 -6.52 -20.84
CA ARG A 322 -9.89 -7.18 -21.21
C ARG A 322 -10.35 -8.19 -20.16
N THR A 323 -9.38 -8.89 -19.56
CA THR A 323 -9.67 -9.84 -18.49
C THR A 323 -10.26 -9.15 -17.26
N PHE A 324 -9.68 -8.01 -16.88
CA PHE A 324 -10.21 -7.18 -15.79
C PHE A 324 -11.66 -6.84 -16.11
N ALA A 325 -11.87 -6.24 -17.28
CA ALA A 325 -13.21 -5.87 -17.75
C ALA A 325 -14.22 -6.99 -17.62
N ARG A 326 -13.84 -8.17 -18.09
CA ARG A 326 -14.74 -9.32 -18.18
C ARG A 326 -15.11 -9.88 -16.83
N GLU A 327 -14.12 -9.94 -15.95
CA GLU A 327 -14.26 -10.58 -14.66
C GLU A 327 -14.87 -9.65 -13.61
N MET A 328 -14.55 -8.37 -13.69
CA MET A 328 -14.97 -7.45 -12.63
C MET A 328 -15.91 -6.32 -13.03
N GLY A 329 -16.11 -6.12 -14.33
CA GLY A 329 -17.03 -5.08 -14.78
C GLY A 329 -18.46 -5.53 -14.60
N GLU A 330 -19.37 -4.59 -14.31
CA GLU A 330 -20.79 -4.92 -14.16
C GLU A 330 -21.52 -4.98 -15.50
N MET B 2 30.85 6.81 -6.10
CA MET B 2 29.81 7.05 -5.10
C MET B 2 30.10 6.29 -3.81
N PRO B 3 29.63 6.83 -2.67
CA PRO B 3 29.69 6.08 -1.41
C PRO B 3 28.61 5.01 -1.41
N THR B 4 28.83 3.92 -0.67
CA THR B 4 27.87 2.83 -0.66
C THR B 4 27.08 2.76 0.64
N LEU B 5 25.95 2.07 0.55
CA LEU B 5 25.03 1.93 1.67
C LEU B 5 24.71 0.46 1.86
N LEU B 6 24.67 0.04 3.12
CA LEU B 6 24.22 -1.29 3.48
C LEU B 6 22.93 -1.19 4.29
N ARG B 7 21.84 -1.75 3.77
CA ARG B 7 20.59 -1.80 4.51
C ARG B 7 20.30 -3.23 4.96
N VAL B 8 20.04 -3.39 6.25
CA VAL B 8 19.75 -4.71 6.77
C VAL B 8 18.46 -4.68 7.57
N TYR B 9 17.50 -5.50 7.16
CA TYR B 9 16.22 -5.58 7.84
C TYR B 9 16.17 -6.85 8.68
N ILE B 10 16.14 -6.70 9.99
CA ILE B 10 15.99 -7.84 10.88
C ILE B 10 14.50 -8.14 11.07
N ASP B 11 14.05 -9.32 10.67
CA ASP B 11 12.61 -9.61 10.71
C ASP B 11 12.30 -11.00 11.23
N GLY B 12 11.02 -11.33 11.32
CA GLY B 12 10.59 -12.64 11.77
C GLY B 12 9.58 -12.49 12.88
N PRO B 13 9.14 -13.62 13.45
CA PRO B 13 8.16 -13.62 14.53
C PRO B 13 8.64 -12.79 15.71
N HIS B 14 7.71 -12.20 16.45
CA HIS B 14 8.04 -11.49 17.67
C HIS B 14 8.57 -12.48 18.69
N GLY B 15 9.33 -11.96 19.66
CA GLY B 15 9.78 -12.74 20.80
C GLY B 15 11.02 -13.58 20.57
N MET B 16 11.79 -13.27 19.52
CA MET B 16 13.00 -14.05 19.21
C MET B 16 14.27 -13.39 19.71
N GLY B 17 14.24 -12.09 19.90
CA GLY B 17 15.41 -11.35 20.32
C GLY B 17 15.92 -10.43 19.23
N LYS B 18 15.08 -10.24 18.21
CA LYS B 18 15.39 -9.37 17.09
C LYS B 18 15.85 -7.98 17.52
N THR B 19 15.05 -7.35 18.37
CA THR B 19 15.30 -5.96 18.78
C THR B 19 16.57 -5.82 19.61
N THR B 20 16.81 -6.75 20.51
CA THR B 20 18.06 -6.72 21.27
C THR B 20 19.26 -6.86 20.34
N THR B 21 19.16 -7.77 19.37
CA THR B 21 20.30 -8.10 18.51
C THR B 21 20.68 -6.89 17.69
N THR B 22 19.66 -6.24 17.17
CA THR B 22 19.82 -5.02 16.40
C THR B 22 20.56 -3.92 17.18
N GLN B 23 20.14 -3.68 18.42
CA GLN B 23 20.76 -2.67 19.26
C GLN B 23 22.22 -3.01 19.56
N LEU B 24 22.50 -4.28 19.79
CA LEU B 24 23.85 -4.71 20.08
C LEU B 24 24.78 -4.48 18.90
N LEU B 25 24.31 -4.81 17.70
CA LEU B 25 25.12 -4.65 16.50
C LEU B 25 25.48 -3.18 16.27
N VAL B 26 24.49 -2.33 16.45
CA VAL B 26 24.66 -0.89 16.29
C VAL B 26 25.60 -0.30 17.35
N ALA B 27 25.62 -0.94 18.50
CA ALA B 27 26.48 -0.47 19.60
C ALA B 27 27.96 -0.73 19.31
N LEU B 28 28.24 -1.60 18.36
CA LEU B 28 29.60 -1.93 17.95
C LEU B 28 30.18 -0.83 17.10
N GLY B 29 29.38 -0.28 16.19
CA GLY B 29 29.88 0.72 15.27
C GLY B 29 30.17 2.02 15.98
N SER B 30 31.10 2.80 15.45
CA SER B 30 31.24 4.15 15.92
C SER B 30 29.94 4.87 15.60
N ARG B 31 29.60 5.88 16.37
CA ARG B 31 28.25 6.45 16.40
C ARG B 31 27.53 6.52 15.05
N ASP B 32 28.17 7.12 14.05
CA ASP B 32 27.50 7.30 12.76
C ASP B 32 28.03 6.52 11.55
N ASP B 33 28.68 5.39 11.76
CA ASP B 33 28.94 4.53 10.62
C ASP B 33 27.75 3.57 10.46
N ILE B 34 26.83 3.63 11.43
CA ILE B 34 25.71 2.72 11.48
C ILE B 34 24.51 3.30 12.23
N VAL B 35 23.33 3.27 11.62
CA VAL B 35 22.16 3.80 12.32
C VAL B 35 21.04 2.75 12.48
N TYR B 36 20.31 2.89 13.57
CA TYR B 36 19.25 2.01 14.01
C TYR B 36 17.91 2.63 13.61
N VAL B 37 17.06 1.81 12.98
CA VAL B 37 15.68 2.18 12.73
C VAL B 37 14.74 1.21 13.45
N PRO B 38 14.22 1.63 14.62
CA PRO B 38 13.48 0.75 15.54
C PRO B 38 12.05 0.47 15.12
N GLU B 39 11.39 -0.46 15.79
CA GLU B 39 9.95 -0.58 15.70
C GLU B 39 9.35 0.75 16.13
N PRO B 40 8.35 1.22 15.38
CA PRO B 40 7.77 2.52 15.72
C PRO B 40 6.70 2.38 16.81
N MET B 41 7.12 1.93 17.99
CA MET B 41 6.23 1.66 19.12
C MET B 41 5.35 2.87 19.48
N THR B 42 5.92 4.06 19.35
CA THR B 42 5.22 5.27 19.73
C THR B 42 4.09 5.50 18.73
N TYR B 43 4.32 5.13 17.47
CA TYR B 43 3.28 5.27 16.47
C TYR B 43 2.15 4.30 16.75
N TRP B 44 2.51 3.05 17.00
CA TRP B 44 1.55 2.01 17.31
C TRP B 44 0.71 2.30 18.57
N ARG B 45 1.33 2.91 19.57
CA ARG B 45 0.69 3.08 20.87
C ARG B 45 -0.03 4.42 21.00
N VAL B 46 0.44 5.42 20.26
CA VAL B 46 -0.06 6.79 20.47
C VAL B 46 -0.38 7.57 19.19
N LEU B 47 0.63 7.80 18.35
CA LEU B 47 0.48 8.72 17.22
C LEU B 47 -0.49 8.20 16.16
N GLY B 48 -0.42 6.91 15.88
CA GLY B 48 -1.16 6.32 14.78
C GLY B 48 -2.58 6.00 15.21
N ALA B 49 -2.71 5.51 16.43
CA ALA B 49 -3.99 5.19 17.02
C ALA B 49 -3.68 4.87 18.48
N SER B 50 -4.69 4.56 19.26
CA SER B 50 -4.45 4.28 20.68
C SER B 50 -4.20 2.78 20.92
N GLU B 51 -3.06 2.45 21.49
CA GLU B 51 -2.72 1.07 21.87
C GLU B 51 -3.09 0.01 20.81
N THR B 52 -2.50 0.12 19.63
CA THR B 52 -2.85 -0.78 18.53
C THR B 52 -2.51 -2.26 18.82
N ILE B 53 -1.38 -2.49 19.45
CA ILE B 53 -0.98 -3.84 19.81
C ILE B 53 -1.99 -4.46 20.77
N ALA B 54 -2.42 -3.69 21.76
CA ALA B 54 -3.41 -4.15 22.73
C ALA B 54 -4.72 -4.45 22.02
N ASN B 55 -5.07 -3.58 21.07
CA ASN B 55 -6.26 -3.74 20.26
C ASN B 55 -6.25 -5.05 19.45
N ILE B 56 -5.09 -5.36 18.87
CA ILE B 56 -4.93 -6.57 18.07
C ILE B 56 -5.15 -7.84 18.90
N TYR B 57 -4.45 -7.93 20.02
CA TYR B 57 -4.54 -9.13 20.84
C TYR B 57 -5.89 -9.27 21.52
N THR B 58 -6.50 -8.15 21.92
CA THR B 58 -7.82 -8.19 22.54
C THR B 58 -8.87 -8.67 21.54
N THR B 59 -8.80 -8.16 20.31
CA THR B 59 -9.71 -8.59 19.25
C THR B 59 -9.64 -10.10 18.94
N GLN B 60 -8.42 -10.62 18.84
CA GLN B 60 -8.24 -12.06 18.59
C GLN B 60 -8.83 -12.88 19.73
N HIS B 61 -8.66 -12.39 20.95
CA HIS B 61 -9.13 -13.08 22.13
C HIS B 61 -10.65 -13.07 22.20
N ARG B 62 -11.27 -11.96 21.82
CA ARG B 62 -12.72 -11.90 21.78
C ARG B 62 -13.27 -12.80 20.67
N LEU B 63 -12.57 -12.88 19.55
CA LEU B 63 -12.96 -13.81 18.50
C LEU B 63 -12.91 -15.25 18.99
N ASP B 64 -11.77 -15.62 19.57
CA ASP B 64 -11.57 -16.97 20.11
C ASP B 64 -12.66 -17.33 21.12
N GLN B 65 -13.02 -16.37 21.97
CA GLN B 65 -14.02 -16.61 23.00
C GLN B 65 -15.45 -16.59 22.47
N GLY B 66 -15.61 -16.23 21.19
CA GLY B 66 -16.92 -16.23 20.56
C GLY B 66 -17.77 -15.04 20.94
N GLU B 67 -17.12 -14.00 21.45
CA GLU B 67 -17.81 -12.78 21.86
C GLU B 67 -18.00 -11.78 20.70
N ILE B 68 -17.28 -12.00 19.60
CA ILE B 68 -17.49 -11.23 18.39
C ILE B 68 -17.48 -12.17 17.19
N SER B 69 -17.93 -11.67 16.04
CA SER B 69 -17.98 -12.46 14.83
C SER B 69 -16.67 -12.33 14.04
N ALA B 70 -16.48 -13.23 13.08
CA ALA B 70 -15.29 -13.17 12.23
C ALA B 70 -15.21 -11.87 11.46
N GLY B 71 -16.36 -11.42 10.95
CA GLY B 71 -16.45 -10.16 10.22
C GLY B 71 -16.05 -8.96 11.05
N ASP B 72 -16.53 -8.89 12.30
CA ASP B 72 -16.18 -7.78 13.17
C ASP B 72 -14.69 -7.83 13.50
N ALA B 73 -14.18 -9.04 13.69
CA ALA B 73 -12.78 -9.21 14.03
C ALA B 73 -11.92 -8.78 12.85
N ALA B 74 -12.38 -9.14 11.66
CA ALA B 74 -11.68 -8.81 10.43
C ALA B 74 -11.57 -7.29 10.18
N VAL B 75 -12.65 -6.54 10.39
CA VAL B 75 -12.57 -5.12 10.11
C VAL B 75 -11.63 -4.43 11.11
N VAL B 76 -11.65 -4.91 12.35
CA VAL B 76 -10.78 -4.33 13.37
C VAL B 76 -9.32 -4.71 13.07
N MET B 77 -9.09 -5.96 12.70
CA MET B 77 -7.74 -6.45 12.40
C MET B 77 -7.15 -5.76 11.17
N THR B 78 -7.95 -5.63 10.13
CA THR B 78 -7.49 -5.02 8.89
C THR B 78 -7.10 -3.57 9.10
N SER B 79 -7.99 -2.82 9.75
CA SER B 79 -7.72 -1.43 10.09
C SER B 79 -6.48 -1.27 11.01
N ALA B 80 -6.32 -2.16 11.98
CA ALA B 80 -5.15 -2.09 12.85
C ALA B 80 -3.87 -2.43 12.09
N GLN B 81 -3.94 -3.37 11.15
CA GLN B 81 -2.75 -3.73 10.39
C GLN B 81 -2.27 -2.60 9.49
N ILE B 82 -3.22 -1.84 8.96
CA ILE B 82 -2.95 -0.60 8.24
C ILE B 82 -2.12 0.35 9.09
N THR B 83 -2.56 0.58 10.33
CA THR B 83 -1.86 1.43 11.28
C THR B 83 -0.47 0.90 11.60
N MET B 84 -0.36 -0.40 11.84
CA MET B 84 0.92 -1.01 12.15
C MET B 84 1.97 -0.74 11.06
N GLY B 85 1.55 -0.76 9.81
CA GLY B 85 2.49 -0.69 8.71
C GLY B 85 2.89 0.69 8.24
N MET B 86 2.09 1.68 8.59
CA MET B 86 2.27 3.03 8.05
C MET B 86 3.71 3.57 8.15
N PRO B 87 4.35 3.51 9.33
CA PRO B 87 5.70 4.09 9.38
C PRO B 87 6.70 3.35 8.50
N TYR B 88 6.48 2.07 8.28
CA TYR B 88 7.35 1.27 7.43
C TYR B 88 7.19 1.72 5.99
N ALA B 89 5.94 1.94 5.58
CA ALA B 89 5.65 2.39 4.23
C ALA B 89 6.23 3.78 3.96
N VAL B 90 6.05 4.72 4.88
CA VAL B 90 6.58 6.07 4.62
C VAL B 90 8.09 6.07 4.57
N THR B 91 8.70 5.36 5.50
CA THR B 91 10.16 5.26 5.54
C THR B 91 10.73 4.72 4.23
N ASP B 92 10.17 3.62 3.75
CA ASP B 92 10.58 3.04 2.48
C ASP B 92 10.41 4.03 1.34
N ALA B 93 9.28 4.76 1.35
CA ALA B 93 8.98 5.70 0.29
C ALA B 93 9.96 6.88 0.25
N VAL B 94 10.36 7.38 1.41
CA VAL B 94 11.29 8.51 1.45
C VAL B 94 12.74 8.06 1.24
N LEU B 95 13.01 6.80 1.53
CA LEU B 95 14.36 6.28 1.30
C LEU B 95 14.56 6.01 -0.19
N ALA B 96 13.52 5.48 -0.83
CA ALA B 96 13.60 5.04 -2.24
C ALA B 96 14.43 5.88 -3.22
N PRO B 97 14.19 7.20 -3.31
CA PRO B 97 14.92 7.97 -4.33
C PRO B 97 16.42 8.03 -4.08
N HIS B 98 16.83 7.81 -2.83
CA HIS B 98 18.23 7.86 -2.47
C HIS B 98 18.97 6.58 -2.80
N ILE B 99 18.23 5.51 -3.10
CA ILE B 99 18.87 4.20 -3.32
C ILE B 99 19.24 3.99 -4.78
N GLY B 100 20.51 3.63 -5.02
CA GLY B 100 20.97 3.38 -6.37
C GLY B 100 21.13 1.90 -6.66
N GLY B 101 21.94 1.57 -7.66
CA GLY B 101 22.09 0.19 -8.08
C GLY B 101 22.97 -0.61 -7.14
N GLU B 102 22.81 -1.92 -7.18
CA GLU B 102 23.62 -2.81 -6.36
C GLU B 102 25.09 -2.65 -6.70
N ALA B 103 25.92 -2.55 -5.67
CA ALA B 103 27.33 -2.24 -5.83
C ALA B 103 28.20 -3.48 -5.66
N PRO B 109 35.34 -3.38 0.90
CA PRO B 109 34.95 -2.02 0.49
C PRO B 109 33.86 -1.49 1.42
N PRO B 110 34.21 -1.20 2.68
CA PRO B 110 33.26 -0.87 3.75
C PRO B 110 32.22 0.18 3.38
N PRO B 111 30.96 -0.05 3.78
CA PRO B 111 29.84 0.86 3.58
C PRO B 111 30.11 2.20 4.22
N ALA B 112 29.83 3.28 3.50
CA ALA B 112 29.89 4.61 4.10
C ALA B 112 28.84 4.69 5.21
N LEU B 113 27.73 3.97 5.02
CA LEU B 113 26.65 3.96 6.01
C LEU B 113 25.95 2.60 6.05
N THR B 114 25.69 2.12 7.25
CA THR B 114 24.91 0.90 7.44
C THR B 114 23.63 1.25 8.18
N LEU B 115 22.50 0.81 7.63
CA LEU B 115 21.20 1.04 8.27
C LEU B 115 20.61 -0.28 8.73
N ILE B 116 20.39 -0.42 10.03
CA ILE B 116 19.77 -1.64 10.51
C ILE B 116 18.30 -1.41 10.84
N PHE B 117 17.40 -2.07 10.11
CA PHE B 117 15.98 -1.92 10.40
C PHE B 117 15.44 -3.02 11.30
N ASP B 118 14.64 -2.62 12.28
CA ASP B 118 13.79 -3.54 12.98
C ASP B 118 12.55 -3.79 12.13
N ARG B 119 12.57 -4.90 11.41
CA ARG B 119 11.51 -5.32 10.46
C ARG B 119 11.50 -4.59 9.12
N HIS B 120 11.07 -5.32 8.10
CA HIS B 120 10.85 -4.81 6.75
C HIS B 120 9.36 -4.49 6.63
N PRO B 121 8.98 -3.60 5.69
CA PRO B 121 7.58 -3.39 5.30
C PRO B 121 6.73 -4.66 5.10
N ILE B 122 7.29 -5.77 4.62
CA ILE B 122 6.49 -7.00 4.44
C ILE B 122 5.98 -7.63 5.73
N ALA B 123 6.55 -7.25 6.87
CA ALA B 123 6.04 -7.78 8.13
C ALA B 123 4.59 -7.33 8.31
N ALA B 124 4.34 -6.03 8.24
CA ALA B 124 2.99 -5.52 8.42
C ALA B 124 2.11 -5.63 7.18
N LEU B 125 2.74 -5.68 6.01
CA LEU B 125 1.97 -5.73 4.77
C LEU B 125 1.74 -7.13 4.21
N LEU B 126 2.34 -8.14 4.83
CA LEU B 126 2.24 -9.51 4.32
C LEU B 126 2.20 -10.54 5.43
N CYS B 127 3.22 -10.55 6.28
CA CYS B 127 3.38 -11.65 7.22
C CYS B 127 2.31 -11.68 8.29
N TYR B 128 2.15 -10.56 8.99
CA TYR B 128 1.15 -10.49 10.06
C TYR B 128 -0.29 -10.65 9.55
N PRO B 129 -0.63 -9.98 8.43
CA PRO B 129 -1.95 -10.26 7.86
C PRO B 129 -2.18 -11.74 7.53
N ALA B 130 -1.20 -12.34 6.86
CA ALA B 130 -1.29 -13.75 6.50
C ALA B 130 -1.47 -14.62 7.75
N ALA B 131 -0.77 -14.29 8.84
CA ALA B 131 -0.92 -15.07 10.08
C ALA B 131 -2.31 -14.88 10.68
N ARG B 132 -2.82 -13.65 10.62
CA ARG B 132 -4.16 -13.35 11.13
C ARG B 132 -5.23 -14.06 10.32
N TYR B 133 -4.99 -14.20 9.02
CA TYR B 133 -5.88 -14.98 8.18
C TYR B 133 -5.94 -16.41 8.70
N LEU B 134 -4.79 -17.01 8.98
CA LEU B 134 -4.75 -18.36 9.53
C LEU B 134 -5.44 -18.43 10.91
N MET B 135 -5.39 -17.35 11.68
CA MET B 135 -6.09 -17.30 12.97
C MET B 135 -7.56 -16.96 12.85
N GLY B 136 -8.02 -16.76 11.60
CA GLY B 136 -9.42 -16.55 11.32
C GLY B 136 -9.92 -15.14 11.62
N SER B 137 -9.01 -14.16 11.62
CA SER B 137 -9.37 -12.79 11.99
C SER B 137 -9.11 -11.82 10.85
N MET B 138 -8.76 -12.36 9.69
CA MET B 138 -8.69 -11.57 8.46
C MET B 138 -9.07 -12.43 7.27
N THR B 139 -9.68 -11.81 6.27
CA THR B 139 -10.05 -12.52 5.05
C THR B 139 -8.81 -12.65 4.15
N PRO B 140 -8.78 -13.68 3.29
CA PRO B 140 -7.60 -13.76 2.42
C PRO B 140 -7.65 -12.70 1.32
N GLN B 141 -8.83 -12.21 1.00
CA GLN B 141 -8.94 -11.11 0.05
C GLN B 141 -8.26 -9.86 0.59
N ALA B 142 -8.41 -9.64 1.89
CA ALA B 142 -7.78 -8.49 2.52
C ALA B 142 -6.26 -8.66 2.56
N VAL B 143 -5.82 -9.87 2.90
CA VAL B 143 -4.39 -10.14 2.87
C VAL B 143 -3.82 -9.81 1.49
N LEU B 144 -4.55 -10.19 0.45
CA LEU B 144 -4.09 -9.94 -0.92
C LEU B 144 -4.13 -8.47 -1.32
N ALA B 145 -5.02 -7.69 -0.71
CA ALA B 145 -5.00 -6.24 -0.92
C ALA B 145 -3.73 -5.62 -0.32
N PHE B 146 -3.32 -6.09 0.86
CA PHE B 146 -2.05 -5.66 1.45
C PHE B 146 -0.87 -6.05 0.56
N VAL B 147 -0.91 -7.26 0.02
CA VAL B 147 0.17 -7.74 -0.86
C VAL B 147 0.30 -6.82 -2.06
N ALA B 148 -0.83 -6.46 -2.64
CA ALA B 148 -0.86 -5.61 -3.81
C ALA B 148 -0.24 -4.23 -3.55
N LEU B 149 -0.20 -3.84 -2.28
CA LEU B 149 0.34 -2.52 -1.92
C LEU B 149 1.77 -2.58 -1.36
N ILE B 150 2.37 -3.76 -1.34
CA ILE B 150 3.78 -3.86 -0.99
C ILE B 150 4.59 -3.00 -1.96
N PRO B 151 5.38 -2.08 -1.44
CA PRO B 151 6.20 -1.17 -2.26
C PRO B 151 7.19 -1.94 -3.12
N PRO B 152 7.58 -1.35 -4.27
CA PRO B 152 8.57 -2.01 -5.12
C PRO B 152 9.80 -2.30 -4.30
N THR B 153 10.37 -3.48 -4.49
CA THR B 153 11.50 -3.93 -3.68
C THR B 153 12.79 -3.26 -4.11
N LEU B 154 13.33 -2.41 -3.23
CA LEU B 154 14.55 -1.68 -3.49
C LEU B 154 15.74 -2.63 -3.71
N PRO B 155 16.74 -2.20 -4.48
CA PRO B 155 17.99 -2.94 -4.60
C PRO B 155 18.66 -3.10 -3.24
N GLY B 156 19.37 -4.22 -3.05
CA GLY B 156 20.13 -4.43 -1.82
C GLY B 156 19.23 -4.55 -0.62
N THR B 157 18.11 -5.23 -0.79
CA THR B 157 17.19 -5.48 0.31
C THR B 157 17.61 -6.77 0.99
N ASN B 158 18.42 -6.62 2.04
CA ASN B 158 18.88 -7.77 2.82
C ASN B 158 17.93 -8.04 3.97
N ILE B 159 17.27 -9.19 3.95
CA ILE B 159 16.36 -9.54 5.03
C ILE B 159 16.96 -10.66 5.86
N VAL B 160 17.06 -10.44 7.16
CA VAL B 160 17.53 -11.47 8.06
C VAL B 160 16.36 -12.05 8.83
N LEU B 161 16.09 -13.33 8.62
CA LEU B 161 14.99 -13.97 9.32
C LEU B 161 15.57 -14.84 10.42
N GLY B 162 14.74 -15.22 11.39
CA GLY B 162 15.23 -15.97 12.54
C GLY B 162 14.94 -17.47 12.52
N ALA B 163 15.88 -18.24 13.05
CA ALA B 163 15.67 -19.64 13.40
C ALA B 163 15.71 -19.78 14.91
N LEU B 164 14.85 -20.67 15.43
CA LEU B 164 14.68 -20.84 16.86
C LEU B 164 13.70 -21.99 17.10
N PRO B 165 14.11 -22.99 17.88
CA PRO B 165 13.18 -24.09 18.18
C PRO B 165 11.94 -23.55 18.89
N GLU B 166 10.79 -24.12 18.53
CA GLU B 166 9.49 -23.67 19.00
C GLU B 166 9.41 -23.72 20.53
N ASP B 167 10.04 -24.72 21.13
CA ASP B 167 10.01 -24.90 22.57
C ASP B 167 10.71 -23.74 23.26
N ARG B 168 11.90 -23.41 22.77
CA ARG B 168 12.64 -22.26 23.29
C ARG B 168 11.89 -20.97 23.02
N HIS B 169 11.37 -20.84 21.79
CA HIS B 169 10.61 -19.65 21.42
C HIS B 169 9.42 -19.43 22.34
N ILE B 170 8.67 -20.48 22.61
CA ILE B 170 7.54 -20.41 23.54
C ILE B 170 7.97 -19.94 24.95
N ASP B 171 9.00 -20.57 25.52
CA ASP B 171 9.52 -20.16 26.83
C ASP B 171 9.92 -18.69 26.79
N ARG B 172 10.62 -18.30 25.74
CA ARG B 172 11.08 -16.93 25.59
C ARG B 172 9.89 -15.97 25.58
N LEU B 173 8.87 -16.33 24.83
CA LEU B 173 7.67 -15.52 24.75
C LEU B 173 6.92 -15.48 26.09
N ALA B 174 6.84 -16.62 26.77
CA ALA B 174 6.15 -16.70 28.06
C ALA B 174 6.78 -15.82 29.13
N LYS B 175 8.05 -15.46 28.94
CA LYS B 175 8.72 -14.48 29.79
C LYS B 175 8.89 -13.19 29.01
N ARG B 176 10.08 -13.02 28.45
CA ARG B 176 10.43 -11.85 27.64
C ARG B 176 9.49 -11.67 26.44
N PRO B 179 3.07 -3.72 26.86
CA PRO B 179 2.79 -4.21 25.50
C PRO B 179 1.32 -4.05 25.12
N GLY B 180 0.44 -4.73 25.86
CA GLY B 180 -0.93 -4.93 25.44
C GLY B 180 -1.05 -6.32 24.86
N GLU B 181 0.04 -7.08 24.95
CA GLU B 181 0.09 -8.41 24.38
C GLU B 181 -0.54 -9.43 25.30
N ARG B 182 -1.17 -10.44 24.69
CA ARG B 182 -1.62 -11.60 25.42
C ARG B 182 -0.92 -12.82 24.87
N LEU B 183 -0.67 -13.81 25.73
CA LEU B 183 0.08 -14.98 25.33
C LEU B 183 -0.78 -15.90 24.47
N ASP B 184 -0.39 -16.03 23.21
CA ASP B 184 -1.17 -16.75 22.24
C ASP B 184 -0.21 -17.61 21.45
N LEU B 185 -0.16 -18.89 21.80
CA LEU B 185 0.76 -19.84 21.16
C LEU B 185 0.28 -20.22 19.76
N ALA B 186 -1.03 -20.10 19.54
CA ALA B 186 -1.64 -20.37 18.24
C ALA B 186 -1.16 -19.33 17.22
N MET B 187 -1.21 -18.07 17.61
CA MET B 187 -0.68 -16.97 16.80
C MET B 187 0.83 -17.15 16.59
N LEU B 188 1.51 -17.64 17.62
CA LEU B 188 2.95 -17.86 17.53
C LEU B 188 3.25 -18.91 16.48
N ALA B 189 2.46 -19.98 16.49
CA ALA B 189 2.63 -21.04 15.50
C ALA B 189 2.40 -20.50 14.10
N ALA B 190 1.34 -19.69 13.95
CA ALA B 190 0.98 -19.14 12.63
C ALA B 190 2.06 -18.21 12.09
N ILE B 191 2.59 -17.35 12.96
CA ILE B 191 3.59 -16.38 12.53
C ILE B 191 4.94 -17.07 12.26
N ARG B 192 5.27 -18.09 13.04
CA ARG B 192 6.45 -18.90 12.74
C ARG B 192 6.29 -19.61 11.40
N ARG B 193 5.13 -20.24 11.21
CA ARG B 193 4.80 -20.89 9.94
C ARG B 193 4.89 -19.92 8.76
N VAL B 194 4.28 -18.75 8.90
CA VAL B 194 4.29 -17.75 7.82
C VAL B 194 5.70 -17.31 7.43
N TYR B 195 6.55 -17.02 8.41
CA TYR B 195 7.94 -16.63 8.11
C TYR B 195 8.77 -17.77 7.55
N GLY B 196 8.51 -19.00 8.00
CA GLY B 196 9.11 -20.16 7.33
C GLY B 196 8.71 -20.25 5.87
N LEU B 197 7.42 -20.07 5.59
CA LEU B 197 6.94 -20.09 4.19
C LEU B 197 7.61 -18.98 3.39
N LEU B 198 7.76 -17.82 4.01
CA LEU B 198 8.38 -16.68 3.35
C LEU B 198 9.81 -16.98 2.89
N ALA B 199 10.64 -17.52 3.77
CA ALA B 199 12.01 -17.89 3.43
C ALA B 199 12.03 -18.83 2.24
N ASN B 200 11.18 -19.84 2.30
CA ASN B 200 11.05 -20.81 1.23
C ASN B 200 10.58 -20.14 -0.07
N THR B 201 9.74 -19.11 0.05
CA THR B 201 9.14 -18.46 -1.13
C THR B 201 10.21 -17.70 -1.91
N VAL B 202 11.05 -16.97 -1.20
CA VAL B 202 12.18 -16.30 -1.84
C VAL B 202 13.10 -17.32 -2.53
N ARG B 203 13.40 -18.40 -1.82
CA ARG B 203 14.30 -19.40 -2.36
C ARG B 203 13.69 -20.10 -3.59
N TYR B 204 12.40 -20.38 -3.51
CA TYR B 204 11.66 -20.96 -4.63
C TYR B 204 11.75 -20.07 -5.87
N LEU B 205 11.56 -18.77 -5.69
CA LEU B 205 11.60 -17.83 -6.81
C LEU B 205 13.00 -17.66 -7.36
N GLN B 206 13.99 -17.67 -6.47
CA GLN B 206 15.37 -17.51 -6.92
C GLN B 206 15.83 -18.74 -7.69
N CYS B 207 15.21 -19.89 -7.42
CA CYS B 207 15.56 -21.10 -8.14
C CYS B 207 14.75 -21.24 -9.43
N GLY B 208 14.07 -20.18 -9.85
CA GLY B 208 13.32 -20.20 -11.10
C GLY B 208 11.87 -20.65 -11.00
N GLY B 209 11.37 -20.85 -9.78
CA GLY B 209 10.01 -21.30 -9.56
C GLY B 209 8.95 -20.37 -10.12
N SER B 210 7.95 -20.95 -10.76
CA SER B 210 6.87 -20.20 -11.36
C SER B 210 5.58 -20.71 -10.77
N TRP B 211 4.91 -19.88 -9.97
CA TRP B 211 3.74 -20.35 -9.22
C TRP B 211 2.60 -20.76 -10.14
N ARG B 212 2.45 -20.06 -11.26
CA ARG B 212 1.40 -20.41 -12.22
C ARG B 212 1.63 -21.80 -12.82
N GLU B 213 2.90 -22.16 -13.04
CA GLU B 213 3.21 -23.47 -13.60
C GLU B 213 3.02 -24.56 -12.54
N ASP B 214 3.18 -24.21 -11.27
CA ASP B 214 3.10 -25.20 -10.20
C ASP B 214 1.78 -25.23 -9.42
N TRP B 215 0.87 -24.32 -9.75
CA TRP B 215 -0.37 -24.16 -8.99
C TRP B 215 -1.12 -25.48 -8.82
N GLY B 216 -1.15 -26.28 -9.88
CA GLY B 216 -1.82 -27.57 -9.84
C GLY B 216 -1.24 -28.58 -8.86
N GLN B 217 -0.02 -28.32 -8.40
CA GLN B 217 0.60 -29.22 -7.42
C GLN B 217 0.12 -29.00 -6.00
N LEU B 218 -0.69 -27.96 -5.80
CA LEU B 218 -1.23 -27.66 -4.48
C LEU B 218 -2.47 -28.51 -4.17
N SER B 219 -2.47 -29.13 -2.99
CA SER B 219 -3.67 -29.80 -2.46
C SER B 219 -3.56 -30.12 -0.96
N GLY B 220 -3.95 -29.17 -0.12
CA GLY B 220 -3.94 -29.36 1.31
C GLY B 220 -5.26 -28.99 1.97
N PRO B 230 13.15 -24.10 7.58
CA PRO B 230 14.48 -24.40 7.03
C PRO B 230 15.19 -23.16 6.51
N GLN B 231 16.52 -23.16 6.51
CA GLN B 231 17.33 -21.99 6.12
C GLN B 231 17.13 -21.57 4.64
N SER B 232 17.82 -20.52 4.20
CA SER B 232 17.53 -19.95 2.87
C SER B 232 18.69 -19.19 2.18
N ASN B 233 18.38 -18.69 0.98
CA ASN B 233 19.35 -18.16 0.01
C ASN B 233 20.36 -19.23 -0.41
N ALA B 234 20.03 -20.48 -0.07
CA ALA B 234 20.79 -21.65 -0.50
C ALA B 234 19.90 -22.89 -0.48
N GLY B 235 20.42 -24.02 -0.95
CA GLY B 235 19.65 -25.26 -0.95
C GLY B 235 18.83 -25.38 -2.22
N PRO B 236 18.08 -26.48 -2.34
CA PRO B 236 17.32 -26.79 -3.56
C PRO B 236 15.99 -26.03 -3.63
N ARG B 237 15.29 -26.13 -4.76
CA ARG B 237 13.99 -25.47 -4.88
C ARG B 237 12.89 -26.17 -4.09
N PRO B 238 12.26 -25.43 -3.17
CA PRO B 238 11.15 -25.97 -2.37
C PRO B 238 9.94 -26.30 -3.24
N HIS B 239 9.09 -27.18 -2.71
CA HIS B 239 7.79 -27.47 -3.31
C HIS B 239 6.89 -26.25 -3.06
N ILE B 240 6.05 -25.92 -4.05
CA ILE B 240 5.17 -24.76 -3.94
C ILE B 240 4.30 -24.81 -2.68
N GLY B 241 3.98 -26.02 -2.23
CA GLY B 241 3.19 -26.22 -1.03
C GLY B 241 3.92 -25.82 0.25
N ASP B 242 5.23 -25.60 0.15
CA ASP B 242 6.00 -25.05 1.27
C ASP B 242 6.37 -23.59 1.07
N THR B 243 5.61 -22.87 0.23
CA THR B 243 5.79 -21.43 0.07
C THR B 243 4.48 -20.72 0.39
N LEU B 244 4.51 -19.40 0.39
CA LEU B 244 3.32 -18.60 0.74
C LEU B 244 2.16 -18.82 -0.23
N PHE B 245 2.47 -19.26 -1.44
CA PHE B 245 1.42 -19.47 -2.45
C PHE B 245 0.37 -20.46 -1.97
N THR B 246 0.80 -21.43 -1.18
CA THR B 246 -0.12 -22.43 -0.66
C THR B 246 -1.27 -21.87 0.18
N LEU B 247 -1.06 -20.73 0.83
CA LEU B 247 -2.10 -20.15 1.69
C LEU B 247 -3.30 -19.65 0.89
N PHE B 248 -3.09 -19.37 -0.39
CA PHE B 248 -4.10 -18.69 -1.17
C PHE B 248 -4.95 -19.59 -2.06
N ARG B 249 -4.90 -20.89 -1.80
CA ARG B 249 -5.90 -21.77 -2.38
C ARG B 249 -7.03 -21.96 -1.36
N ALA B 250 -7.91 -20.97 -1.33
CA ALA B 250 -9.02 -20.93 -0.39
C ALA B 250 -10.28 -20.68 -1.20
N PRO B 251 -11.43 -21.20 -0.74
CA PRO B 251 -12.66 -21.15 -1.52
C PRO B 251 -13.05 -19.73 -1.90
N GLU B 252 -12.77 -18.76 -1.04
CA GLU B 252 -13.14 -17.36 -1.30
C GLU B 252 -12.49 -16.84 -2.57
N LEU B 253 -11.31 -17.36 -2.88
CA LEU B 253 -10.52 -16.83 -3.99
C LEU B 253 -10.74 -17.60 -5.27
N LEU B 254 -11.47 -18.71 -5.20
CA LEU B 254 -11.62 -19.61 -6.36
C LEU B 254 -12.93 -19.41 -7.13
N ALA B 255 -12.80 -19.26 -8.44
CA ALA B 255 -13.93 -19.18 -9.36
C ALA B 255 -14.60 -20.56 -9.51
N PRO B 256 -15.87 -20.58 -9.98
CA PRO B 256 -16.60 -21.83 -10.24
C PRO B 256 -15.78 -22.88 -10.98
N ASN B 257 -15.03 -22.48 -11.99
CA ASN B 257 -14.18 -23.43 -12.71
C ASN B 257 -13.01 -23.97 -11.88
N GLY B 258 -12.88 -23.50 -10.64
CA GLY B 258 -11.86 -24.01 -9.74
C GLY B 258 -10.52 -23.30 -9.78
N ASP B 259 -10.33 -22.37 -10.72
CA ASP B 259 -9.10 -21.59 -10.75
C ASP B 259 -9.26 -20.36 -9.87
N LEU B 260 -8.14 -19.72 -9.56
CA LEU B 260 -8.16 -18.42 -8.91
C LEU B 260 -8.82 -17.40 -9.83
N TYR B 261 -9.60 -16.50 -9.27
CA TYR B 261 -9.99 -15.32 -10.02
C TYR B 261 -8.73 -14.60 -10.45
N ASN B 262 -8.76 -14.01 -11.63
CA ASN B 262 -7.61 -13.31 -12.17
C ASN B 262 -7.10 -12.21 -11.25
N VAL B 263 -8.02 -11.48 -10.61
CA VAL B 263 -7.61 -10.41 -9.73
C VAL B 263 -6.70 -10.93 -8.60
N PHE B 264 -7.00 -12.11 -8.08
CA PHE B 264 -6.17 -12.68 -7.02
C PHE B 264 -4.87 -13.23 -7.57
N ALA B 265 -4.94 -13.84 -8.76
CA ALA B 265 -3.76 -14.38 -9.43
C ALA B 265 -2.76 -13.25 -9.67
N TRP B 266 -3.27 -12.08 -10.01
CA TRP B 266 -2.40 -10.94 -10.25
C TRP B 266 -1.72 -10.48 -8.97
N ALA B 267 -2.42 -10.63 -7.84
CA ALA B 267 -1.81 -10.27 -6.57
C ALA B 267 -0.67 -11.25 -6.24
N LEU B 268 -0.84 -12.50 -6.63
CA LEU B 268 0.23 -13.49 -6.45
C LEU B 268 1.43 -13.15 -7.34
N ASP B 269 1.16 -12.67 -8.56
CA ASP B 269 2.23 -12.22 -9.45
C ASP B 269 3.05 -11.11 -8.77
N VAL B 270 2.35 -10.19 -8.11
CA VAL B 270 3.01 -9.08 -7.44
C VAL B 270 3.85 -9.62 -6.30
N LEU B 271 3.27 -10.56 -5.56
CA LEU B 271 4.00 -11.21 -4.48
C LEU B 271 5.32 -11.81 -5.00
N ALA B 272 5.26 -12.52 -6.12
CA ALA B 272 6.46 -13.14 -6.69
C ALA B 272 7.49 -12.08 -7.06
N LYS B 273 7.02 -11.01 -7.70
CA LYS B 273 7.89 -9.93 -8.13
C LYS B 273 8.60 -9.26 -6.95
N ARG B 274 7.87 -9.01 -5.86
CA ARG B 274 8.46 -8.36 -4.69
C ARG B 274 9.48 -9.24 -3.95
N LEU B 275 9.18 -10.52 -3.81
CA LEU B 275 10.02 -11.39 -2.97
C LEU B 275 11.26 -11.91 -3.69
N ARG B 276 11.21 -11.96 -5.01
CA ARG B 276 12.19 -12.68 -5.79
C ARG B 276 13.54 -11.95 -5.80
N SER B 277 13.52 -10.64 -5.60
CA SER B 277 14.76 -9.88 -5.72
C SER B 277 15.35 -9.61 -4.34
N MET B 278 14.73 -10.20 -3.31
CA MET B 278 15.21 -10.05 -1.94
C MET B 278 16.37 -11.00 -1.61
N HIS B 279 17.23 -10.56 -0.71
CA HIS B 279 18.38 -11.33 -0.28
C HIS B 279 18.12 -11.77 1.14
N VAL B 280 17.84 -13.06 1.31
CA VAL B 280 17.45 -13.60 2.61
C VAL B 280 18.65 -14.23 3.31
N PHE B 281 18.76 -14.03 4.61
CA PHE B 281 19.80 -14.68 5.40
C PHE B 281 19.09 -15.20 6.63
N ILE B 282 19.60 -16.27 7.23
CA ILE B 282 18.93 -16.85 8.39
C ILE B 282 19.86 -16.72 9.60
N LEU B 283 19.36 -16.16 10.68
CA LEU B 283 20.17 -15.99 11.88
C LEU B 283 19.66 -16.93 12.96
N ASP B 284 20.57 -17.65 13.60
CA ASP B 284 20.23 -18.56 14.69
C ASP B 284 20.03 -17.76 15.98
N TYR B 285 18.80 -17.67 16.46
CA TYR B 285 18.55 -16.97 17.71
C TYR B 285 18.70 -17.86 18.94
N ASP B 286 19.03 -19.13 18.73
CA ASP B 286 19.10 -20.04 19.87
C ASP B 286 20.47 -19.92 20.54
N GLN B 287 20.76 -18.72 21.03
CA GLN B 287 22.03 -18.43 21.70
C GLN B 287 21.92 -17.12 22.47
N SER B 288 22.99 -16.77 23.16
CA SER B 288 23.01 -15.57 23.98
C SER B 288 22.92 -14.32 23.11
N PRO B 289 22.55 -13.18 23.71
CA PRO B 289 22.48 -11.92 22.97
C PRO B 289 23.79 -11.52 22.30
N ALA B 290 24.92 -11.68 23.00
CA ALA B 290 26.22 -11.41 22.36
C ALA B 290 26.46 -12.37 21.20
N GLY B 291 26.05 -13.63 21.37
CA GLY B 291 26.15 -14.62 20.32
C GLY B 291 25.38 -14.23 19.08
N CYS B 292 24.12 -13.82 19.24
CA CYS B 292 23.30 -13.40 18.09
C CYS B 292 23.92 -12.22 17.36
N ARG B 293 24.49 -11.31 18.13
CA ARG B 293 25.14 -10.12 17.59
C ARG B 293 26.32 -10.52 16.71
N ASP B 294 27.20 -11.35 17.24
CA ASP B 294 28.40 -11.73 16.49
C ASP B 294 28.05 -12.60 15.28
N ALA B 295 27.04 -13.45 15.45
CA ALA B 295 26.52 -14.22 14.34
C ALA B 295 25.98 -13.30 13.25
N LEU B 296 25.29 -12.23 13.66
CA LEU B 296 24.71 -11.31 12.68
C LEU B 296 25.83 -10.56 12.01
N LEU B 297 26.83 -10.17 12.79
CA LEU B 297 28.00 -9.47 12.26
C LEU B 297 28.71 -10.29 11.19
N GLN B 298 28.85 -11.59 11.40
CA GLN B 298 29.47 -12.45 10.39
C GLN B 298 28.64 -12.50 9.10
N LEU B 299 27.33 -12.52 9.26
CA LEU B 299 26.42 -12.63 8.12
C LEU B 299 26.53 -11.42 7.20
N THR B 300 26.83 -10.25 7.76
CA THR B 300 26.81 -9.02 6.97
C THR B 300 27.84 -9.04 5.85
N SER B 301 28.89 -9.84 6.00
CA SER B 301 29.96 -9.90 5.00
C SER B 301 29.40 -10.29 3.64
N GLY B 302 28.40 -11.17 3.64
CA GLY B 302 27.79 -11.65 2.41
C GLY B 302 26.56 -10.87 1.98
N MET B 303 26.35 -9.70 2.56
CA MET B 303 25.16 -8.92 2.26
C MET B 303 25.41 -7.91 1.16
N VAL B 304 24.35 -7.57 0.43
CA VAL B 304 24.47 -6.72 -0.74
C VAL B 304 24.34 -5.23 -0.44
N GLN B 305 25.35 -4.48 -0.85
CA GLN B 305 25.34 -3.03 -0.72
C GLN B 305 24.81 -2.40 -1.99
N THR B 306 24.44 -1.13 -1.90
CA THR B 306 24.02 -0.39 -3.08
C THR B 306 24.72 0.96 -3.09
N HIS B 307 24.74 1.60 -4.26
CA HIS B 307 25.16 2.99 -4.34
C HIS B 307 24.01 3.89 -3.91
N VAL B 308 24.33 5.13 -3.58
CA VAL B 308 23.28 6.11 -3.37
C VAL B 308 23.30 7.05 -4.57
N THR B 309 22.19 7.74 -4.78
CA THR B 309 22.00 8.46 -6.04
C THR B 309 22.57 9.89 -6.03
N THR B 310 22.83 10.42 -4.84
CA THR B 310 23.43 11.75 -4.70
C THR B 310 24.53 11.68 -3.64
N PRO B 311 25.48 12.62 -3.67
CA PRO B 311 26.57 12.49 -2.70
C PRO B 311 26.05 12.76 -1.28
N GLY B 312 25.20 13.78 -1.15
CA GLY B 312 24.60 14.12 0.14
C GLY B 312 23.46 13.22 0.57
N SER B 313 23.31 12.08 -0.09
CA SER B 313 22.31 11.09 0.31
C SER B 313 22.66 10.45 1.66
N ILE B 314 23.94 10.23 1.89
CA ILE B 314 24.39 9.62 3.13
C ILE B 314 23.99 10.40 4.41
N PRO B 315 24.33 11.70 4.48
CA PRO B 315 23.87 12.39 5.69
C PRO B 315 22.35 12.55 5.74
N THR B 316 21.70 12.78 4.59
CA THR B 316 20.24 12.84 4.53
C THR B 316 19.61 11.56 5.11
N ILE B 317 20.08 10.41 4.66
CA ILE B 317 19.59 9.11 5.15
C ILE B 317 19.83 8.99 6.65
N CYS B 318 21.02 9.40 7.08
CA CYS B 318 21.35 9.36 8.50
C CYS B 318 20.36 10.17 9.34
N ASP B 319 20.11 11.40 8.91
CA ASP B 319 19.14 12.26 9.57
C ASP B 319 17.72 11.66 9.60
N LEU B 320 17.27 11.08 8.50
CA LEU B 320 15.96 10.45 8.43
C LEU B 320 15.86 9.37 9.51
N ALA B 321 16.87 8.50 9.54
CA ALA B 321 16.87 7.39 10.49
C ALA B 321 16.88 7.85 11.95
N ARG B 322 17.70 8.85 12.25
CA ARG B 322 17.76 9.34 13.62
C ARG B 322 16.48 10.09 14.00
N THR B 323 15.95 10.89 13.09
CA THR B 323 14.67 11.55 13.32
C THR B 323 13.56 10.53 13.60
N PHE B 324 13.48 9.51 12.76
CA PHE B 324 12.54 8.40 12.93
C PHE B 324 12.69 7.77 14.31
N ALA B 325 13.92 7.36 14.63
CA ALA B 325 14.22 6.67 15.88
C ALA B 325 13.81 7.50 17.10
N ARG B 326 14.22 8.77 17.08
CA ARG B 326 13.89 9.71 18.13
C ARG B 326 12.39 9.82 18.35
N GLU B 327 11.65 9.94 17.24
CA GLU B 327 10.22 10.20 17.34
C GLU B 327 9.42 8.94 17.68
N MET B 328 9.87 7.78 17.21
CA MET B 328 8.99 6.61 17.29
C MET B 328 9.48 5.38 18.05
N GLY B 329 10.77 5.32 18.34
CA GLY B 329 11.29 4.21 19.12
C GLY B 329 10.96 4.46 20.58
N GLU B 330 10.89 3.39 21.38
CA GLU B 330 10.64 3.51 22.82
C GLU B 330 11.65 4.44 23.50
O01 FDU C . -18.87 4.27 -8.57
C03 FDU C . -18.10 4.47 -7.41
C06 FDU C . -18.97 4.16 -6.20
O08 FDU C . -18.12 3.61 -5.18
C09 FDU C . -19.62 5.40 -5.59
O11 FDU C . -20.79 5.06 -4.87
C13 FDU C . -18.54 5.94 -4.68
F15 FDU C . -17.66 6.68 -5.42
C16 FDU C . -17.89 4.65 -4.19
N18 FDU C . -16.46 4.64 -3.87
C19 FDU C . -16.11 4.77 -2.53
O20 FDU C . -16.91 4.96 -1.62
N21 FDU C . -14.75 4.72 -2.29
C23 FDU C . -13.76 4.52 -3.21
O24 FDU C . -12.56 4.48 -2.91
C25 FDU C . -14.21 4.35 -4.61
C26 FDU C . -15.52 4.42 -4.85
C28 FDU C . -13.23 4.15 -5.62
C29 FDU C . -12.37 3.98 -6.45
S SO4 D . -20.21 8.23 -12.77
O1 SO4 D . -19.40 9.44 -12.91
O2 SO4 D . -21.59 8.53 -13.11
O3 SO4 D . -20.14 7.78 -11.37
O4 SO4 D . -19.71 7.18 -13.64
S SO4 E . -29.26 15.02 -16.58
O1 SO4 E . -28.95 15.76 -15.35
O2 SO4 E . -30.64 15.32 -16.94
O3 SO4 E . -28.36 15.44 -17.65
O4 SO4 E . -29.10 13.59 -16.34
S SO4 F . -31.67 1.73 7.51
O1 SO4 F . -31.95 2.10 8.89
O2 SO4 F . -31.89 2.87 6.63
O3 SO4 F . -30.29 1.28 7.40
O4 SO4 F . -32.56 0.63 7.11
S SO4 G . -29.09 -6.93 -8.67
O1 SO4 G . -29.05 -5.98 -7.55
O2 SO4 G . -30.05 -6.45 -9.66
O3 SO4 G . -27.77 -7.05 -9.29
O4 SO4 G . -29.50 -8.24 -8.17
O01 FDU H . 6.46 -6.44 17.45
C03 FDU H . 5.78 -6.14 18.66
C06 FDU H . 4.34 -6.65 18.62
O08 FDU H . 3.73 -6.18 17.41
C09 FDU H . 4.20 -8.17 18.61
O11 FDU H . 3.22 -8.58 19.55
C13 FDU H . 3.83 -8.52 17.18
F15 FDU H . 4.95 -8.58 16.43
C16 FDU H . 3.04 -7.28 16.80
N18 FDU H . 2.84 -6.97 15.38
C19 FDU H . 1.60 -7.28 14.84
O20 FDU H . 0.68 -7.84 15.45
N21 FDU H . 1.44 -6.93 13.51
C23 FDU H . 2.37 -6.32 12.72
O24 FDU H . 2.17 -6.03 11.54
C25 FDU H . 3.66 -6.01 13.35
C26 FDU H . 3.83 -6.34 14.65
C28 FDU H . 4.65 -5.37 12.56
C29 FDU H . 5.46 -4.84 11.85
S SO4 I . 11.68 -9.58 19.46
O1 SO4 I . 12.27 -8.26 19.21
O2 SO4 I . 10.22 -9.48 19.53
O3 SO4 I . 12.00 -10.50 18.36
O4 SO4 I . 12.18 -10.08 20.73
S SO4 J . 13.48 -7.87 -10.54
O1 SO4 J . 12.68 -6.98 -9.71
O2 SO4 J . 14.88 -7.41 -10.53
O3 SO4 J . 12.96 -7.84 -11.90
O4 SO4 J . 13.42 -9.25 -10.06
#